data_8UQK
#
_entry.id   8UQK
#
_cell.length_a   1.00
_cell.length_b   1.00
_cell.length_c   1.00
_cell.angle_alpha   90.00
_cell.angle_beta   90.00
_cell.angle_gamma   90.00
#
_symmetry.space_group_name_H-M   'P 1'
#
_entity_poly.entity_id   1
_entity_poly.type   'polypeptide(L)'
_entity_poly.pdbx_seq_one_letter_code
;MRPSVSELELSQCDREPIHLLGGIQAYGVLLAFRGPDRRLEVVSANTQALLGRPPEALLGKTAAQVLPAELWAQWELLSA
RGALRVALPSGPYRALLHESDGLTVLELEPAELQPDMEETALELVRRLVSPLAGAKGTRELLQTAANTVRALTGFDRVMV
YRFDADWHGEVLAESKREGMDGFLGMHFPATDIPVQARALYTRNPLRLIANARARPVPLVPSVVPELGRPLDLSGSALRS
VSPIHLEYLRNMGVEASFSLSLLKDGALWGLIACHHLAPLHLSYERRRACEVLTQLLALQLSSEERAAEAAEDSHRAALL
GPLATSLGAGGTLEEALAKDGARVLELTGATGAALLLGGEPLLVGRTPSMDEVEALAAWLAPQPFQTSFHTERLGSLYPP
LAARADVAAGLLAVRLAPASSRLALWFRPEAVRTISWAGNPRKPAEPEPGHARLHPRGSFQAWEETVRETSPAWKRADLA
AAEGFRSALIGVVLRQAAELERLSEALSRSNAELDAFGHTVAHDLKEPLRGIQQYAGFVMEDYHGALGPEGRGHMESLMW
LAQRSGDMLDGLFEYSRAGRVDLAWGEVNMQEVVDEVLATLSTRFQAEKLTVRMPRRLPTVRCDGIRIAQVWANLLVNAA
KYQEGPERWVEAGFHGPGEPRPGAAGRYASAYVFYVKDPGIGIAPPFHEAIFEMFRRLHSAKAYGGGTGVGLAIARRLVQ
LHGGALWVDSAPKQGATFYFTLGRGPG
;
_entity_poly.pdbx_strand_id   B,A
#
# COMPACT_ATOMS: atom_id res chain seq x y z
N GLU A 9 -19.58 -18.88 -31.39
CA GLU A 9 -19.62 -20.32 -31.58
C GLU A 9 -18.54 -20.78 -32.54
N LEU A 10 -17.89 -19.82 -33.19
CA LEU A 10 -16.83 -20.14 -34.15
C LEU A 10 -15.60 -20.68 -33.41
N SER A 11 -14.83 -21.50 -34.13
CA SER A 11 -13.59 -22.04 -33.60
C SER A 11 -12.48 -21.01 -33.52
N GLN A 12 -12.72 -19.79 -33.99
CA GLN A 12 -11.71 -18.74 -33.98
C GLN A 12 -11.85 -17.79 -32.80
N CYS A 13 -12.71 -18.10 -31.82
CA CYS A 13 -12.89 -17.22 -30.67
C CYS A 13 -11.58 -16.98 -29.93
N ASP A 14 -10.80 -18.05 -29.75
CA ASP A 14 -9.48 -17.91 -29.15
C ASP A 14 -8.47 -17.39 -30.15
N ARG A 15 -8.77 -17.52 -31.45
CA ARG A 15 -7.82 -17.20 -32.51
C ARG A 15 -8.09 -15.90 -33.23
N GLU A 16 -9.30 -15.35 -33.16
CA GLU A 16 -9.60 -14.13 -33.88
C GLU A 16 -8.82 -12.96 -33.27
N PRO A 17 -8.04 -12.24 -34.07
CA PRO A 17 -7.30 -11.08 -33.54
C PRO A 17 -8.25 -9.94 -33.21
N ILE A 18 -8.19 -9.46 -31.97
CA ILE A 18 -9.05 -8.38 -31.50
C ILE A 18 -8.73 -7.11 -32.28
N HIS A 19 -7.48 -6.99 -32.71
CA HIS A 19 -7.04 -5.80 -33.43
C HIS A 19 -7.65 -5.69 -34.83
N LEU A 20 -8.27 -6.74 -35.35
CA LEU A 20 -8.83 -6.73 -36.70
C LEU A 20 -10.34 -6.65 -36.74
N LEU A 21 -11.02 -6.43 -35.61
CA LEU A 21 -12.47 -6.36 -35.62
C LEU A 21 -12.97 -5.15 -36.41
N GLY A 22 -12.28 -4.02 -36.31
CA GLY A 22 -12.65 -2.85 -37.09
C GLY A 22 -13.76 -2.01 -36.49
N GLY A 23 -14.78 -2.66 -35.93
CA GLY A 23 -15.94 -1.97 -35.40
C GLY A 23 -15.64 -0.96 -34.30
N ILE A 24 -16.53 0.01 -34.14
CA ILE A 24 -16.36 1.05 -33.13
C ILE A 24 -17.69 1.27 -32.41
N GLN A 25 -17.63 1.89 -31.24
CA GLN A 25 -18.84 2.11 -30.45
C GLN A 25 -19.63 3.29 -31.02
N ALA A 26 -20.76 3.58 -30.37
CA ALA A 26 -21.71 4.57 -30.86
C ALA A 26 -21.16 5.99 -30.81
N TYR A 27 -20.53 6.37 -29.70
CA TYR A 27 -20.15 7.76 -29.49
C TYR A 27 -18.70 8.07 -29.87
N GLY A 28 -17.99 7.13 -30.50
CA GLY A 28 -16.62 7.42 -30.91
C GLY A 28 -16.58 8.35 -32.12
N VAL A 29 -15.48 9.10 -32.22
CA VAL A 29 -15.27 10.02 -33.33
C VAL A 29 -13.84 9.89 -33.86
N LEU A 30 -13.66 9.13 -34.93
CA LEU A 30 -12.34 8.82 -35.44
C LEU A 30 -11.72 10.03 -36.14
N LEU A 31 -10.49 10.37 -35.76
CA LEU A 31 -9.74 11.46 -36.35
C LEU A 31 -8.26 11.10 -36.42
N ALA A 32 -7.55 11.73 -37.36
CA ALA A 32 -6.13 11.45 -37.54
C ALA A 32 -5.43 12.52 -38.37
N PHE A 33 -4.13 12.73 -38.11
CA PHE A 33 -3.30 13.67 -38.85
C PHE A 33 -2.13 12.93 -39.48
N ARG A 34 -1.58 13.51 -40.56
CA ARG A 34 -0.47 12.91 -41.31
C ARG A 34 0.76 13.79 -41.19
N GLY A 35 1.64 13.44 -40.23
CA GLY A 35 2.96 14.00 -40.14
C GLY A 35 3.02 15.51 -40.12
N PRO A 36 3.90 16.08 -40.95
CA PRO A 36 4.10 17.54 -40.95
C PRO A 36 2.86 18.32 -41.37
N ASP A 37 2.32 18.00 -42.53
CA ASP A 37 1.14 18.71 -43.03
C ASP A 37 -0.14 18.28 -42.35
N ARG A 38 -0.11 17.18 -41.59
CA ARG A 38 -1.21 16.76 -40.73
C ARG A 38 -2.48 16.47 -41.54
N ARG A 39 -2.31 15.76 -42.65
CA ARG A 39 -3.45 15.41 -43.48
C ARG A 39 -4.34 14.39 -42.79
N LEU A 40 -5.64 14.48 -43.07
CA LEU A 40 -6.62 13.63 -42.40
C LEU A 40 -6.64 12.22 -42.99
N GLU A 41 -7.36 11.34 -42.31
CA GLU A 41 -7.45 9.92 -42.70
C GLU A 41 -8.83 9.36 -42.38
N VAL A 42 -8.90 8.02 -42.30
CA VAL A 42 -10.16 7.31 -42.11
C VAL A 42 -10.96 7.93 -40.97
N VAL A 43 -12.28 8.02 -41.18
CA VAL A 43 -13.22 8.53 -40.19
C VAL A 43 -14.39 7.56 -40.09
N SER A 44 -15.38 7.92 -39.29
CA SER A 44 -16.55 7.08 -39.07
C SER A 44 -17.82 7.86 -39.40
N ALA A 45 -18.90 7.12 -39.63
CA ALA A 45 -20.18 7.74 -39.98
C ALA A 45 -20.70 8.60 -38.84
N ASN A 46 -20.58 8.12 -37.60
CA ASN A 46 -21.06 8.89 -36.46
C ASN A 46 -20.19 10.09 -36.17
N THR A 47 -18.94 10.08 -36.68
CA THR A 47 -18.03 11.20 -36.45
C THR A 47 -18.54 12.48 -37.12
N GLN A 48 -19.14 12.35 -38.30
CA GLN A 48 -19.50 13.54 -39.08
C GLN A 48 -20.62 14.33 -38.40
N ALA A 49 -21.53 13.63 -37.73
CA ALA A 49 -22.73 14.29 -37.20
C ALA A 49 -22.40 15.35 -36.17
N LEU A 50 -21.44 15.06 -35.27
CA LEU A 50 -21.07 16.05 -34.26
C LEU A 50 -20.46 17.28 -34.89
N LEU A 51 -19.59 17.09 -35.87
CA LEU A 51 -19.04 18.22 -36.60
C LEU A 51 -20.05 18.82 -37.58
N GLY A 52 -20.94 17.99 -38.13
CA GLY A 52 -22.00 18.47 -38.99
C GLY A 52 -21.79 18.17 -40.46
N ARG A 53 -20.56 18.35 -40.94
CA ARG A 53 -20.28 18.14 -42.35
C ARG A 53 -20.15 16.64 -42.66
N PRO A 54 -20.56 16.22 -43.85
CA PRO A 54 -20.55 14.79 -44.19
C PRO A 54 -19.14 14.24 -44.21
N PRO A 55 -18.97 12.92 -44.03
CA PRO A 55 -17.61 12.37 -43.95
C PRO A 55 -16.84 12.51 -45.24
N GLU A 56 -17.39 12.05 -46.36
CA GLU A 56 -16.69 12.15 -47.64
C GLU A 56 -16.45 13.60 -48.02
N ALA A 57 -17.34 14.51 -47.59
CA ALA A 57 -17.08 15.93 -47.76
C ALA A 57 -15.86 16.36 -46.95
N LEU A 58 -15.76 15.89 -45.70
CA LEU A 58 -14.58 16.18 -44.90
C LEU A 58 -13.35 15.49 -45.46
N LEU A 59 -13.50 14.26 -45.94
CA LEU A 59 -12.37 13.49 -46.44
C LEU A 59 -11.82 14.09 -47.72
N GLY A 60 -10.48 14.13 -47.82
CA GLY A 60 -9.80 14.47 -49.05
C GLY A 60 -9.20 15.86 -49.10
N LYS A 61 -9.60 16.77 -48.22
CA LYS A 61 -9.10 18.14 -48.25
C LYS A 61 -8.26 18.44 -47.01
N THR A 62 -7.84 19.69 -46.89
CA THR A 62 -6.81 20.07 -45.92
C THR A 62 -7.32 19.97 -44.49
N ALA A 63 -6.36 19.90 -43.56
CA ALA A 63 -6.67 19.74 -42.14
C ALA A 63 -7.37 20.96 -41.54
N ALA A 64 -6.80 22.14 -41.75
CA ALA A 64 -7.32 23.34 -41.10
C ALA A 64 -8.72 23.66 -41.57
N GLN A 65 -9.06 23.26 -42.81
CA GLN A 65 -10.40 23.52 -43.33
C GLN A 65 -11.46 22.74 -42.57
N VAL A 66 -11.18 21.47 -42.23
CA VAL A 66 -12.14 20.62 -41.56
C VAL A 66 -12.01 20.77 -40.04
N LEU A 67 -11.09 21.63 -39.61
CA LEU A 67 -10.71 21.69 -38.21
C LEU A 67 -11.36 22.88 -37.52
N PRO A 68 -12.18 22.66 -36.49
CA PRO A 68 -12.68 23.77 -35.67
C PRO A 68 -11.55 24.34 -34.81
N ALA A 69 -10.81 25.30 -35.37
CA ALA A 69 -9.55 25.73 -34.76
C ALA A 69 -9.72 26.24 -33.34
N GLU A 70 -10.93 26.65 -32.96
CA GLU A 70 -11.16 27.04 -31.56
C GLU A 70 -10.94 25.87 -30.63
N LEU A 71 -11.13 24.64 -31.11
CA LEU A 71 -10.74 23.46 -30.35
C LEU A 71 -9.26 23.14 -30.58
N TRP A 72 -8.76 23.42 -31.78
CA TRP A 72 -7.34 23.26 -32.06
C TRP A 72 -6.51 24.24 -31.23
N ALA A 73 -7.14 25.27 -30.69
CA ALA A 73 -6.48 26.25 -29.83
C ALA A 73 -6.07 25.63 -28.50
N GLN A 74 -6.38 24.34 -28.31
CA GLN A 74 -5.97 23.62 -27.12
C GLN A 74 -5.02 22.46 -27.41
N TRP A 75 -4.67 22.22 -28.67
CA TRP A 75 -3.79 21.09 -28.99
C TRP A 75 -2.38 21.32 -28.46
N GLU A 76 -1.95 22.58 -28.42
CA GLU A 76 -0.64 22.93 -27.87
C GLU A 76 -0.53 22.46 -26.42
N LEU A 77 -1.67 22.42 -25.72
CA LEU A 77 -1.71 21.86 -24.38
C LEU A 77 -2.13 20.39 -24.39
N LEU A 78 -2.89 19.97 -25.39
CA LEU A 78 -3.32 18.57 -25.48
C LEU A 78 -2.15 17.65 -25.75
N SER A 79 -1.06 18.19 -26.31
CA SER A 79 0.13 17.41 -26.59
C SER A 79 0.71 16.84 -25.31
N ALA A 80 0.73 17.63 -24.24
CA ALA A 80 1.27 17.21 -22.95
C ALA A 80 0.18 16.64 -22.05
N ARG A 81 -0.95 17.33 -21.92
CA ARG A 81 -2.01 16.89 -21.02
C ARG A 81 -2.64 15.58 -21.49
N GLY A 82 -2.79 15.40 -22.80
CA GLY A 82 -3.43 14.23 -23.36
C GLY A 82 -4.94 14.27 -23.36
N ALA A 83 -5.57 14.83 -22.32
CA ALA A 83 -7.02 14.88 -22.26
C ALA A 83 -7.54 15.87 -21.22
N LEU A 84 -8.29 16.87 -21.66
CA LEU A 84 -9.10 17.70 -20.77
C LEU A 84 -10.37 18.11 -21.50
N ARG A 85 -11.36 18.54 -20.72
CA ARG A 85 -12.69 18.81 -21.24
C ARG A 85 -12.74 20.18 -21.93
N VAL A 86 -13.49 20.25 -23.03
CA VAL A 86 -13.78 21.51 -23.70
C VAL A 86 -15.30 21.61 -23.90
N ALA A 87 -15.83 22.80 -23.66
CA ALA A 87 -17.27 23.04 -23.77
C ALA A 87 -17.60 23.35 -25.23
N LEU A 88 -17.95 22.32 -25.99
CA LEU A 88 -18.38 22.50 -27.38
C LEU A 88 -19.73 23.20 -27.38
N PRO A 89 -20.05 23.96 -28.45
CA PRO A 89 -21.38 24.60 -28.52
C PRO A 89 -22.55 23.66 -28.28
N SER A 90 -22.34 22.35 -28.43
CA SER A 90 -23.38 21.36 -28.13
C SER A 90 -23.42 21.10 -26.62
N GLY A 91 -22.30 20.70 -26.04
CA GLY A 91 -22.20 20.44 -24.63
C GLY A 91 -20.78 20.20 -24.19
N PRO A 92 -20.59 19.76 -22.94
CA PRO A 92 -19.25 19.40 -22.49
C PRO A 92 -18.70 18.22 -23.27
N TYR A 93 -17.40 18.26 -23.55
CA TYR A 93 -16.77 17.27 -24.41
C TYR A 93 -15.30 17.14 -24.04
N ARG A 94 -14.81 15.91 -23.98
CA ARG A 94 -13.48 15.63 -23.47
C ARG A 94 -12.54 15.32 -24.62
N ALA A 95 -11.54 16.18 -24.84
CA ALA A 95 -10.59 15.98 -25.92
C ALA A 95 -9.68 14.79 -25.61
N LEU A 96 -9.19 14.14 -26.68
CA LEU A 96 -8.35 12.96 -26.54
C LEU A 96 -7.32 12.96 -27.67
N LEU A 97 -6.04 12.84 -27.32
CA LEU A 97 -4.96 12.76 -28.29
C LEU A 97 -4.30 11.38 -28.22
N HIS A 98 -3.93 10.86 -29.39
CA HIS A 98 -3.29 9.55 -29.48
C HIS A 98 -2.42 9.53 -30.73
N GLU A 99 -1.49 8.57 -30.76
CA GLU A 99 -0.63 8.35 -31.92
C GLU A 99 -0.43 6.85 -32.10
N SER A 100 -0.52 6.39 -33.35
CA SER A 100 -0.44 4.97 -33.62
C SER A 100 -0.05 4.73 -35.08
N ASP A 101 0.80 3.73 -35.29
CA ASP A 101 1.24 3.30 -36.62
C ASP A 101 1.81 4.46 -37.43
N GLY A 102 2.59 5.29 -36.75
CA GLY A 102 3.23 6.42 -37.39
C GLY A 102 2.26 7.52 -37.74
N LEU A 103 1.05 7.45 -37.18
CA LEU A 103 0.00 8.43 -37.44
C LEU A 103 -0.59 8.88 -36.11
N THR A 104 -0.87 10.18 -36.00
CA THR A 104 -1.50 10.68 -34.79
C THR A 104 -3.01 10.45 -34.85
N VAL A 105 -3.62 10.33 -33.68
CA VAL A 105 -5.05 10.04 -33.59
C VAL A 105 -5.71 11.02 -32.62
N LEU A 106 -6.86 11.56 -33.01
CA LEU A 106 -7.63 12.46 -32.16
C LEU A 106 -8.98 11.81 -31.86
N GLU A 107 -9.49 12.07 -30.65
CA GLU A 107 -10.74 11.47 -30.20
C GLU A 107 -11.46 12.47 -29.31
N LEU A 108 -12.78 12.31 -29.24
CA LEU A 108 -13.63 13.14 -28.40
C LEU A 108 -14.73 12.25 -27.82
N GLU A 109 -15.32 12.68 -26.70
CA GLU A 109 -16.35 11.87 -26.06
C GLU A 109 -17.27 12.75 -25.25
N PRO A 110 -18.55 12.39 -25.08
CA PRO A 110 -19.46 13.21 -24.28
C PRO A 110 -19.03 13.29 -22.82
N ALA A 111 -18.67 14.49 -22.37
CA ALA A 111 -18.12 14.69 -21.03
C ALA A 111 -19.22 14.76 -19.97
N GLU A 112 -18.85 15.23 -18.77
CA GLU A 112 -19.77 15.27 -17.65
C GLU A 112 -20.92 16.24 -17.93
N LEU A 113 -22.10 15.69 -18.18
CA LEU A 113 -23.26 16.53 -18.43
C LEU A 113 -23.73 17.21 -17.15
N GLN A 114 -23.72 16.47 -16.05
CA GLN A 114 -24.11 17.03 -14.76
C GLN A 114 -23.10 18.10 -14.35
N PRO A 115 -23.55 19.26 -13.86
CA PRO A 115 -22.66 20.43 -13.76
C PRO A 115 -21.47 20.25 -12.82
N ASP A 116 -21.55 19.34 -11.86
CA ASP A 116 -20.40 18.93 -11.05
C ASP A 116 -19.79 20.10 -10.27
N MET A 117 -20.63 20.88 -9.59
CA MET A 117 -20.10 21.82 -8.61
C MET A 117 -19.52 21.07 -7.41
N GLU A 118 -20.29 20.14 -6.86
CA GLU A 118 -19.81 19.29 -5.77
C GLU A 118 -19.30 17.96 -6.31
N GLU A 119 -18.62 17.20 -5.46
CA GLU A 119 -17.91 15.98 -5.87
C GLU A 119 -16.99 16.29 -7.05
N THR A 120 -16.03 17.17 -6.78
CA THR A 120 -15.12 17.66 -7.80
C THR A 120 -14.08 16.60 -8.12
N ALA A 121 -13.05 17.00 -8.85
CA ALA A 121 -11.97 16.08 -9.17
C ALA A 121 -11.23 15.69 -7.88
N LEU A 122 -10.65 14.48 -7.92
CA LEU A 122 -9.78 13.91 -6.88
C LEU A 122 -10.47 13.74 -5.53
N GLU A 123 -11.77 14.02 -5.42
CA GLU A 123 -12.46 13.75 -4.17
C GLU A 123 -12.76 12.27 -4.05
N LEU A 124 -12.75 11.57 -5.19
CA LEU A 124 -13.04 10.14 -5.22
C LEU A 124 -12.02 9.37 -4.39
N VAL A 125 -10.73 9.70 -4.56
CA VAL A 125 -9.68 8.93 -3.91
C VAL A 125 -9.77 9.09 -2.39
N ARG A 126 -9.94 10.33 -1.92
CA ARG A 126 -10.07 10.56 -0.49
C ARG A 126 -11.37 9.94 0.04
N ARG A 127 -12.41 9.91 -0.79
CA ARG A 127 -13.68 9.31 -0.37
C ARG A 127 -13.54 7.81 -0.21
N LEU A 128 -12.73 7.16 -1.06
CA LEU A 128 -12.67 5.70 -1.06
C LEU A 128 -11.53 5.10 -0.23
N VAL A 129 -10.43 5.82 -0.04
CA VAL A 129 -9.31 5.22 0.70
C VAL A 129 -9.57 5.26 2.20
N SER A 130 -10.55 6.07 2.63
CA SER A 130 -10.85 6.15 4.06
C SER A 130 -11.20 4.81 4.69
N PRO A 131 -12.03 3.95 4.07
CA PRO A 131 -12.18 2.59 4.61
C PRO A 131 -10.89 1.80 4.60
N LEU A 132 -9.95 2.12 3.71
CA LEU A 132 -8.70 1.37 3.59
C LEU A 132 -7.70 1.82 4.64
N ALA A 133 -8.09 1.76 5.91
CA ALA A 133 -7.19 2.14 7.00
C ALA A 133 -6.21 1.01 7.31
N GLY A 134 -6.73 -0.19 7.56
CA GLY A 134 -5.92 -1.31 7.98
C GLY A 134 -4.95 -1.83 6.94
N ALA A 135 -5.48 -2.41 5.85
CA ALA A 135 -4.67 -3.09 4.84
C ALA A 135 -3.85 -4.21 5.48
N LYS A 136 -4.57 -5.18 6.02
CA LYS A 136 -3.98 -6.27 6.80
C LYS A 136 -3.82 -7.54 5.97
N GLY A 137 -4.86 -7.95 5.24
CA GLY A 137 -4.80 -9.18 4.49
C GLY A 137 -5.11 -8.99 3.02
N THR A 138 -5.34 -10.13 2.35
CA THR A 138 -5.63 -10.15 0.92
C THR A 138 -7.13 -10.15 0.64
N ARG A 139 -7.84 -11.15 1.17
CA ARG A 139 -9.24 -11.36 0.81
C ARG A 139 -10.11 -10.19 1.25
N GLU A 140 -10.03 -9.82 2.53
CA GLU A 140 -10.89 -8.77 3.04
C GLU A 140 -10.56 -7.42 2.43
N LEU A 141 -9.29 -7.20 2.07
CA LEU A 141 -8.88 -5.96 1.44
C LEU A 141 -9.61 -5.76 0.12
N LEU A 142 -9.53 -6.75 -0.76
CA LEU A 142 -10.18 -6.66 -2.07
C LEU A 142 -11.70 -6.71 -1.93
N GLN A 143 -12.20 -7.41 -0.92
CA GLN A 143 -13.63 -7.43 -0.67
C GLN A 143 -14.14 -6.03 -0.33
N THR A 144 -13.50 -5.38 0.64
CA THR A 144 -13.86 -4.01 0.98
C THR A 144 -13.62 -3.06 -0.19
N ALA A 145 -12.63 -3.36 -1.03
CA ALA A 145 -12.40 -2.56 -2.24
C ALA A 145 -13.61 -2.64 -3.16
N ALA A 146 -14.13 -3.86 -3.38
CA ALA A 146 -15.33 -4.02 -4.19
C ALA A 146 -16.52 -3.32 -3.54
N ASN A 147 -16.59 -3.35 -2.21
CA ASN A 147 -17.65 -2.65 -1.50
C ASN A 147 -17.58 -1.15 -1.76
N THR A 148 -16.37 -0.60 -1.74
CA THR A 148 -16.20 0.83 -2.03
C THR A 148 -16.51 1.15 -3.48
N VAL A 149 -16.20 0.21 -4.39
CA VAL A 149 -16.58 0.37 -5.78
C VAL A 149 -18.10 0.42 -5.92
N ARG A 150 -18.82 -0.37 -5.13
CA ARG A 150 -20.27 -0.27 -5.07
C ARG A 150 -20.72 1.14 -4.75
N ALA A 151 -20.11 1.74 -3.72
CA ALA A 151 -20.50 3.10 -3.32
C ALA A 151 -20.18 4.12 -4.40
N LEU A 152 -18.95 4.06 -4.95
CA LEU A 152 -18.53 5.06 -5.93
C LEU A 152 -19.26 4.90 -7.25
N THR A 153 -19.09 3.76 -7.90
CA THR A 153 -19.71 3.52 -9.19
C THR A 153 -21.22 3.53 -9.11
N GLY A 154 -21.77 2.95 -8.05
CA GLY A 154 -23.21 2.91 -7.87
C GLY A 154 -23.93 2.09 -8.92
N PHE A 155 -23.36 0.94 -9.30
CA PHE A 155 -23.95 0.08 -10.31
C PHE A 155 -24.35 -1.24 -9.67
N ASP A 156 -24.83 -2.17 -10.51
CA ASP A 156 -25.41 -3.40 -9.98
C ASP A 156 -24.34 -4.37 -9.49
N ARG A 157 -23.47 -4.81 -10.38
CA ARG A 157 -22.61 -5.96 -10.11
C ARG A 157 -21.14 -5.54 -10.12
N VAL A 158 -20.39 -6.11 -9.18
CA VAL A 158 -18.93 -5.96 -9.15
C VAL A 158 -18.34 -7.36 -9.02
N MET A 159 -17.12 -7.54 -9.51
CA MET A 159 -16.58 -8.88 -9.62
C MET A 159 -15.06 -8.86 -9.52
N VAL A 160 -14.50 -9.94 -8.98
CA VAL A 160 -13.07 -10.12 -8.79
C VAL A 160 -12.66 -11.46 -9.38
N TYR A 161 -11.59 -11.46 -10.17
CA TYR A 161 -11.04 -12.68 -10.78
C TYR A 161 -9.59 -12.86 -10.38
N ARG A 162 -9.19 -14.11 -10.13
CA ARG A 162 -7.80 -14.49 -9.98
C ARG A 162 -7.45 -15.59 -10.99
N PHE A 163 -6.20 -15.60 -11.41
CA PHE A 163 -5.73 -16.49 -12.46
C PHE A 163 -5.13 -17.76 -11.86
N ASP A 164 -4.55 -18.59 -12.71
CA ASP A 164 -3.84 -19.80 -12.32
C ASP A 164 -2.45 -19.79 -12.97
N ALA A 165 -1.68 -20.83 -12.71
CA ALA A 165 -0.40 -21.01 -13.39
C ALA A 165 -0.62 -21.10 -14.89
N ASP A 166 -1.63 -21.85 -15.29
CA ASP A 166 -2.03 -21.91 -16.70
C ASP A 166 -3.14 -20.91 -16.99
N TRP A 167 -3.31 -19.94 -16.08
CA TRP A 167 -4.18 -18.77 -16.21
C TRP A 167 -5.67 -19.11 -16.18
N HIS A 168 -6.08 -20.29 -15.74
CA HIS A 168 -7.50 -20.56 -15.57
C HIS A 168 -8.06 -19.71 -14.43
N GLY A 169 -9.09 -18.93 -14.73
CA GLY A 169 -9.63 -18.01 -13.75
C GLY A 169 -10.48 -18.71 -12.70
N GLU A 170 -10.69 -18.02 -11.58
CA GLU A 170 -11.47 -18.54 -10.48
C GLU A 170 -12.20 -17.40 -9.78
N VAL A 171 -13.44 -17.66 -9.40
CA VAL A 171 -14.25 -16.67 -8.68
C VAL A 171 -13.79 -16.63 -7.23
N LEU A 172 -13.16 -15.52 -6.83
CA LEU A 172 -12.75 -15.37 -5.44
C LEU A 172 -13.79 -14.60 -4.62
N ALA A 173 -14.08 -13.36 -5.02
CA ALA A 173 -14.95 -12.51 -4.23
C ALA A 173 -15.76 -11.57 -5.12
N GLU A 174 -16.76 -10.95 -4.51
CA GLU A 174 -17.66 -10.00 -5.15
C GLU A 174 -18.55 -9.41 -4.08
N SER A 175 -19.41 -8.48 -4.50
CA SER A 175 -20.38 -7.88 -3.59
C SER A 175 -21.61 -7.51 -4.41
N LYS A 176 -22.73 -8.14 -4.08
CA LYS A 176 -23.92 -8.08 -4.94
C LYS A 176 -24.84 -6.93 -4.56
N ARG A 177 -25.55 -6.43 -5.56
CA ARG A 177 -26.70 -5.57 -5.33
C ARG A 177 -27.93 -6.45 -5.10
N GLU A 178 -28.77 -6.02 -4.17
CA GLU A 178 -29.92 -6.83 -3.79
C GLU A 178 -30.87 -7.02 -4.97
N GLY A 179 -31.27 -8.26 -5.18
CA GLY A 179 -32.13 -8.62 -6.29
C GLY A 179 -31.39 -9.34 -7.42
N MET A 180 -30.28 -10.01 -7.07
CA MET A 180 -29.55 -10.84 -8.02
C MET A 180 -29.05 -12.09 -7.31
N ASP A 181 -28.14 -12.83 -7.96
CA ASP A 181 -27.59 -14.06 -7.40
C ASP A 181 -26.07 -13.99 -7.47
N GLY A 182 -25.42 -14.33 -6.36
CA GLY A 182 -23.96 -14.36 -6.35
C GLY A 182 -23.42 -15.56 -7.11
N PHE A 183 -22.17 -15.45 -7.55
CA PHE A 183 -21.54 -16.48 -8.35
C PHE A 183 -20.31 -17.05 -7.65
N LEU A 184 -20.32 -17.06 -6.32
CA LEU A 184 -19.17 -17.56 -5.56
C LEU A 184 -18.95 -19.04 -5.83
N GLY A 185 -17.68 -19.41 -5.99
CA GLY A 185 -17.27 -20.77 -6.22
C GLY A 185 -17.07 -21.14 -7.68
N MET A 186 -17.50 -20.28 -8.60
CA MET A 186 -17.44 -20.59 -10.02
C MET A 186 -15.98 -20.59 -10.49
N HIS A 187 -15.69 -21.43 -11.50
CA HIS A 187 -14.36 -21.56 -12.06
C HIS A 187 -14.37 -21.02 -13.49
N PHE A 188 -13.47 -20.11 -13.78
CA PHE A 188 -13.40 -19.49 -15.10
C PHE A 188 -12.47 -20.26 -16.02
N PRO A 189 -12.93 -20.76 -17.16
CA PRO A 189 -12.03 -21.42 -18.11
C PRO A 189 -11.16 -20.40 -18.83
N ALA A 190 -9.86 -20.70 -18.88
CA ALA A 190 -8.90 -19.83 -19.57
C ALA A 190 -9.07 -19.91 -21.08
N THR A 191 -9.83 -20.90 -21.54
CA THR A 191 -10.05 -21.10 -22.97
C THR A 191 -10.78 -19.92 -23.60
N ASP A 192 -11.75 -19.35 -22.87
CA ASP A 192 -12.56 -18.26 -23.41
C ASP A 192 -11.70 -17.05 -23.77
N ILE A 193 -10.76 -16.69 -22.90
CA ILE A 193 -9.94 -15.50 -23.12
C ILE A 193 -8.78 -15.84 -24.07
N PRO A 194 -8.69 -15.18 -25.22
CA PRO A 194 -7.55 -15.40 -26.11
C PRO A 194 -6.27 -14.80 -25.51
N VAL A 195 -5.14 -15.36 -25.95
CA VAL A 195 -3.84 -14.87 -25.52
C VAL A 195 -3.64 -13.44 -26.01
N GLN A 196 -4.16 -13.14 -27.20
CA GLN A 196 -4.09 -11.79 -27.75
C GLN A 196 -4.87 -10.82 -26.86
N ALA A 197 -6.06 -11.24 -26.41
CA ALA A 197 -6.83 -10.41 -25.50
C ALA A 197 -6.10 -10.23 -24.17
N ARG A 198 -5.45 -11.29 -23.69
CA ARG A 198 -4.67 -11.20 -22.46
C ARG A 198 -3.58 -10.16 -22.60
N ALA A 199 -2.86 -10.20 -23.73
CA ALA A 199 -1.82 -9.21 -23.98
C ALA A 199 -2.39 -7.80 -24.07
N LEU A 200 -3.56 -7.67 -24.71
CA LEU A 200 -4.22 -6.37 -24.82
C LEU A 200 -4.52 -5.81 -23.43
N TYR A 201 -5.06 -6.65 -22.55
CA TYR A 201 -5.32 -6.20 -21.18
C TYR A 201 -4.03 -5.87 -20.43
N THR A 202 -2.97 -6.63 -20.66
CA THR A 202 -1.70 -6.35 -20.00
C THR A 202 -1.14 -4.99 -20.42
N ARG A 203 -1.21 -4.68 -21.71
CA ARG A 203 -0.56 -3.46 -22.21
C ARG A 203 -1.30 -2.20 -21.78
N ASN A 204 -2.62 -2.22 -21.74
CA ASN A 204 -3.41 -1.05 -21.38
C ASN A 204 -3.82 -1.10 -19.92
N PRO A 205 -4.05 0.06 -19.30
CA PRO A 205 -4.42 0.06 -17.88
C PRO A 205 -5.88 -0.24 -17.61
N LEU A 206 -6.79 0.26 -18.45
CA LEU A 206 -8.21 0.16 -18.18
C LEU A 206 -8.98 -0.04 -19.49
N ARG A 207 -10.25 -0.43 -19.34
CA ARG A 207 -11.18 -0.55 -20.46
C ARG A 207 -12.60 -0.65 -19.95
N LEU A 208 -13.57 -0.13 -20.71
CA LEU A 208 -14.97 -0.13 -20.30
C LEU A 208 -15.86 -0.45 -21.50
N ILE A 209 -16.99 -1.12 -21.21
CA ILE A 209 -18.06 -1.33 -22.17
C ILE A 209 -19.36 -0.86 -21.53
N ALA A 210 -20.00 0.13 -22.15
CA ALA A 210 -21.14 0.79 -21.53
C ALA A 210 -22.48 0.17 -21.91
N ASN A 211 -22.62 -0.33 -23.13
CA ASN A 211 -23.90 -0.84 -23.59
C ASN A 211 -23.67 -2.08 -24.44
N ALA A 212 -24.36 -3.17 -24.09
CA ALA A 212 -24.33 -4.37 -24.92
C ALA A 212 -25.21 -4.25 -26.14
N ARG A 213 -26.11 -3.27 -26.18
CA ARG A 213 -26.95 -3.01 -27.34
C ARG A 213 -26.24 -2.20 -28.41
N ALA A 214 -25.02 -1.75 -28.15
CA ALA A 214 -24.28 -0.98 -29.14
C ALA A 214 -23.89 -1.87 -30.32
N ARG A 215 -23.68 -1.23 -31.47
CA ARG A 215 -23.37 -1.94 -32.70
C ARG A 215 -21.93 -1.67 -33.10
N PRO A 216 -21.19 -2.69 -33.52
CA PRO A 216 -19.80 -2.47 -33.97
C PRO A 216 -19.75 -1.74 -35.30
N VAL A 217 -19.89 -0.42 -35.25
CA VAL A 217 -19.94 0.42 -36.44
C VAL A 217 -18.63 0.28 -37.21
N PRO A 218 -18.68 -0.04 -38.50
CA PRO A 218 -17.45 -0.19 -39.29
C PRO A 218 -16.81 1.18 -39.56
N LEU A 219 -15.66 1.13 -40.22
CA LEU A 219 -14.89 2.34 -40.49
C LEU A 219 -14.63 2.43 -41.99
N VAL A 220 -14.74 3.64 -42.54
CA VAL A 220 -14.49 3.85 -43.96
C VAL A 220 -13.50 5.00 -44.13
N PRO A 221 -12.48 4.79 -44.99
CA PRO A 221 -12.19 3.57 -45.75
C PRO A 221 -11.72 2.41 -44.87
N SER A 222 -12.17 1.19 -45.19
CA SER A 222 -11.86 0.02 -44.37
C SER A 222 -10.37 -0.31 -44.36
N VAL A 223 -9.74 -0.25 -45.54
CA VAL A 223 -8.36 -0.68 -45.68
C VAL A 223 -7.48 0.54 -45.90
N VAL A 224 -6.24 0.45 -45.42
CA VAL A 224 -5.25 1.52 -45.63
C VAL A 224 -4.02 0.91 -46.29
N PRO A 225 -3.55 1.50 -47.40
CA PRO A 225 -2.39 0.89 -48.10
C PRO A 225 -1.11 0.90 -47.29
N GLU A 226 -0.89 1.91 -46.44
CA GLU A 226 0.40 2.05 -45.78
C GLU A 226 0.61 1.00 -44.70
N LEU A 227 -0.43 0.25 -44.35
CA LEU A 227 -0.29 -0.92 -43.49
C LEU A 227 -0.80 -2.20 -44.12
N GLY A 228 -1.74 -2.11 -45.07
CA GLY A 228 -2.39 -3.31 -45.58
C GLY A 228 -3.20 -3.99 -44.50
N ARG A 229 -3.57 -3.21 -43.49
CA ARG A 229 -4.23 -3.67 -42.28
C ARG A 229 -4.71 -2.45 -41.50
N PRO A 230 -5.89 -2.52 -40.87
CA PRO A 230 -6.44 -1.31 -40.23
C PRO A 230 -5.60 -0.81 -39.06
N LEU A 231 -5.97 0.35 -38.53
CA LEU A 231 -5.24 0.98 -37.44
C LEU A 231 -5.52 0.26 -36.12
N ASP A 232 -4.44 -0.04 -35.39
CA ASP A 232 -4.59 -0.63 -34.07
C ASP A 232 -5.17 0.40 -33.11
N LEU A 233 -6.11 -0.04 -32.27
CA LEU A 233 -6.79 0.84 -31.32
C LEU A 233 -6.09 0.86 -29.96
N SER A 234 -4.81 1.22 -29.93
CA SER A 234 -4.03 1.20 -28.70
C SER A 234 -4.58 2.18 -27.66
N GLY A 235 -4.54 3.48 -27.96
CA GLY A 235 -4.91 4.48 -26.98
C GLY A 235 -6.40 4.72 -26.84
N SER A 236 -7.21 4.22 -27.78
CA SER A 236 -8.64 4.48 -27.74
C SER A 236 -9.32 3.60 -26.69
N ALA A 237 -10.15 4.23 -25.87
CA ALA A 237 -11.00 3.51 -24.93
C ALA A 237 -12.31 3.07 -25.56
N LEU A 238 -12.50 3.32 -26.85
CA LEU A 238 -13.73 3.00 -27.56
C LEU A 238 -13.65 1.72 -28.36
N ARG A 239 -12.60 0.92 -28.19
CA ARG A 239 -12.42 -0.30 -28.97
C ARG A 239 -13.51 -1.31 -28.65
N SER A 240 -14.06 -1.92 -29.71
CA SER A 240 -15.10 -2.92 -29.54
C SER A 240 -14.46 -4.25 -29.10
N VAL A 241 -15.31 -5.27 -28.95
CA VAL A 241 -14.88 -6.56 -28.43
C VAL A 241 -15.24 -7.62 -29.48
N SER A 242 -14.64 -8.79 -29.34
CA SER A 242 -14.85 -9.87 -30.30
C SER A 242 -16.33 -10.23 -30.35
N PRO A 243 -16.88 -10.51 -31.54
CA PRO A 243 -18.32 -10.79 -31.65
C PRO A 243 -18.77 -11.97 -30.80
N ILE A 244 -17.88 -12.95 -30.61
CA ILE A 244 -18.16 -14.08 -29.74
C ILE A 244 -18.23 -13.56 -28.30
N HIS A 245 -17.30 -12.70 -27.92
CA HIS A 245 -17.34 -12.10 -26.59
C HIS A 245 -18.52 -11.14 -26.46
N LEU A 246 -18.90 -10.47 -27.55
CA LEU A 246 -20.10 -9.65 -27.54
C LEU A 246 -21.33 -10.51 -27.26
N GLU A 247 -21.40 -11.69 -27.89
CA GLU A 247 -22.49 -12.61 -27.62
C GLU A 247 -22.44 -13.10 -26.18
N TYR A 248 -21.22 -13.30 -25.66
CA TYR A 248 -21.06 -13.59 -24.23
C TYR A 248 -21.72 -12.54 -23.36
N LEU A 249 -21.39 -11.28 -23.59
CA LEU A 249 -22.00 -10.20 -22.83
C LEU A 249 -23.51 -10.16 -23.02
N ARG A 250 -24.00 -10.46 -24.23
CA ARG A 250 -25.44 -10.51 -24.46
C ARG A 250 -26.10 -11.60 -23.63
N ASN A 251 -25.47 -12.78 -23.58
CA ASN A 251 -25.99 -13.92 -22.83
C ASN A 251 -26.03 -13.62 -21.33
N MET A 252 -24.93 -13.09 -20.80
CA MET A 252 -24.89 -12.72 -19.38
C MET A 252 -25.77 -11.52 -19.09
N GLY A 253 -26.19 -10.80 -20.12
CA GLY A 253 -27.32 -9.88 -20.03
C GLY A 253 -27.08 -8.60 -19.28
N VAL A 254 -25.82 -8.17 -19.14
CA VAL A 254 -25.52 -6.92 -18.42
C VAL A 254 -24.88 -5.99 -19.45
N GLU A 255 -25.62 -4.95 -19.84
CA GLU A 255 -25.15 -4.00 -20.82
C GLU A 255 -23.96 -3.16 -20.35
N ALA A 256 -23.97 -2.69 -19.11
CA ALA A 256 -22.90 -1.86 -18.58
C ALA A 256 -21.85 -2.73 -17.91
N SER A 257 -20.58 -2.50 -18.25
CA SER A 257 -19.51 -3.34 -17.74
C SER A 257 -18.18 -2.60 -17.71
N PHE A 258 -17.43 -2.77 -16.62
CA PHE A 258 -16.12 -2.15 -16.48
C PHE A 258 -15.04 -3.21 -16.33
N SER A 259 -13.80 -2.85 -16.62
CA SER A 259 -12.67 -3.75 -16.43
C SER A 259 -11.53 -2.97 -15.79
N LEU A 260 -11.04 -3.49 -14.67
CA LEU A 260 -9.93 -2.87 -13.95
C LEU A 260 -8.85 -3.92 -13.77
N SER A 261 -7.70 -3.73 -14.42
CA SER A 261 -6.64 -4.72 -14.42
C SER A 261 -5.69 -4.51 -13.25
N LEU A 262 -5.16 -5.61 -12.73
CA LEU A 262 -4.11 -5.59 -11.74
C LEU A 262 -2.87 -6.23 -12.35
N LEU A 263 -1.73 -5.57 -12.22
CA LEU A 263 -0.52 -6.01 -12.90
C LEU A 263 0.58 -6.20 -11.86
N LYS A 264 1.14 -7.41 -11.80
CA LYS A 264 2.17 -7.76 -10.82
C LYS A 264 3.53 -7.72 -11.50
N ASP A 265 4.20 -6.57 -11.39
CA ASP A 265 5.62 -6.41 -11.74
C ASP A 265 5.91 -6.94 -13.14
N GLY A 266 5.12 -6.48 -14.11
CA GLY A 266 5.27 -6.86 -15.49
C GLY A 266 4.22 -7.85 -16.00
N ALA A 267 3.65 -8.66 -15.10
CA ALA A 267 2.63 -9.62 -15.45
C ALA A 267 1.29 -9.18 -14.86
N LEU A 268 0.23 -9.25 -15.65
CA LEU A 268 -1.09 -8.84 -15.19
C LEU A 268 -1.55 -9.79 -14.10
N TRP A 269 -1.61 -9.29 -12.86
CA TRP A 269 -1.96 -10.10 -11.70
C TRP A 269 -3.40 -10.57 -11.77
N GLY A 270 -4.33 -9.63 -11.82
CA GLY A 270 -5.75 -9.96 -11.88
C GLY A 270 -6.60 -8.90 -12.55
N LEU A 271 -7.90 -9.16 -12.63
CA LEU A 271 -8.83 -8.24 -13.30
C LEU A 271 -10.03 -8.00 -12.40
N ILE A 272 -10.50 -6.75 -12.36
CA ILE A 272 -11.67 -6.35 -11.60
C ILE A 272 -12.73 -5.85 -12.56
N ALA A 273 -13.94 -6.35 -12.40
CA ALA A 273 -15.01 -6.02 -13.34
C ALA A 273 -16.24 -5.57 -12.57
N CYS A 274 -16.81 -4.43 -12.99
CA CYS A 274 -18.07 -3.94 -12.47
C CYS A 274 -19.13 -4.06 -13.56
N HIS A 275 -20.40 -4.11 -13.13
CA HIS A 275 -21.49 -4.37 -14.06
C HIS A 275 -22.75 -3.66 -13.59
N HIS A 276 -23.67 -3.44 -14.54
CA HIS A 276 -24.96 -2.83 -14.29
C HIS A 276 -25.95 -3.24 -15.37
N LEU A 277 -27.11 -3.76 -14.97
CA LEU A 277 -28.03 -4.35 -15.95
C LEU A 277 -28.49 -3.33 -16.98
N ALA A 278 -28.78 -2.11 -16.52
CA ALA A 278 -29.14 -1.04 -17.44
C ALA A 278 -27.90 -0.47 -18.10
N PRO A 279 -28.02 0.02 -19.33
CA PRO A 279 -26.90 0.71 -19.96
C PRO A 279 -26.74 2.12 -19.41
N LEU A 280 -25.49 2.51 -19.20
CA LEU A 280 -25.20 3.82 -18.64
C LEU A 280 -23.76 4.24 -18.93
N HIS A 281 -23.56 5.49 -19.32
CA HIS A 281 -22.23 6.02 -19.58
C HIS A 281 -21.55 6.35 -18.25
N LEU A 282 -20.27 6.70 -18.31
CA LEU A 282 -19.49 7.02 -17.12
C LEU A 282 -18.77 8.33 -17.34
N SER A 283 -18.62 9.07 -16.24
CA SER A 283 -17.85 10.31 -16.29
C SER A 283 -16.37 10.02 -16.49
N TYR A 284 -15.68 10.91 -17.21
CA TYR A 284 -14.23 10.82 -17.27
C TYR A 284 -13.60 10.90 -15.90
N GLU A 285 -14.20 11.70 -15.01
CA GLU A 285 -13.72 11.86 -13.63
C GLU A 285 -13.64 10.51 -12.93
N ARG A 286 -14.70 9.71 -13.02
CA ARG A 286 -14.70 8.42 -12.34
C ARG A 286 -13.74 7.43 -13.00
N ARG A 287 -13.73 7.36 -14.33
CA ARG A 287 -12.90 6.37 -15.01
C ARG A 287 -11.42 6.68 -14.82
N ARG A 288 -11.04 7.96 -14.88
CA ARG A 288 -9.62 8.31 -14.81
C ARG A 288 -9.09 8.07 -13.40
N ALA A 289 -9.93 8.25 -12.39
CA ALA A 289 -9.50 8.03 -11.01
C ALA A 289 -9.14 6.58 -10.77
N CYS A 290 -9.69 5.65 -11.57
CA CYS A 290 -9.42 4.23 -11.37
C CYS A 290 -7.95 3.91 -11.54
N GLU A 291 -7.30 4.53 -12.52
CA GLU A 291 -5.88 4.29 -12.78
C GLU A 291 -5.05 4.52 -11.53
N VAL A 292 -5.40 5.54 -10.74
CA VAL A 292 -4.72 5.78 -9.48
C VAL A 292 -4.95 4.60 -8.53
N LEU A 293 -6.19 4.12 -8.47
CA LEU A 293 -6.54 2.97 -7.64
C LEU A 293 -5.77 1.73 -8.07
N THR A 294 -5.53 1.58 -9.38
CA THR A 294 -4.82 0.42 -9.89
C THR A 294 -3.45 0.29 -9.24
N GLN A 295 -2.68 1.39 -9.23
CA GLN A 295 -1.34 1.35 -8.66
C GLN A 295 -1.38 1.03 -7.17
N LEU A 296 -2.28 1.68 -6.44
CA LEU A 296 -2.42 1.46 -5.01
C LEU A 296 -2.71 0.00 -4.70
N LEU A 297 -3.74 -0.54 -5.36
CA LEU A 297 -4.12 -1.93 -5.12
C LEU A 297 -3.03 -2.89 -5.54
N ALA A 298 -2.34 -2.60 -6.65
CA ALA A 298 -1.28 -3.49 -7.12
C ALA A 298 -0.14 -3.55 -6.12
N LEU A 299 0.33 -2.39 -5.65
CA LEU A 299 1.41 -2.38 -4.67
C LEU A 299 0.96 -3.04 -3.36
N GLN A 300 -0.26 -2.77 -2.93
CA GLN A 300 -0.76 -3.37 -1.69
C GLN A 300 -0.84 -4.87 -1.78
N LEU A 301 -1.37 -5.39 -2.89
CA LEU A 301 -1.48 -6.84 -3.04
C LEU A 301 -0.10 -7.47 -3.16
N SER A 302 0.84 -6.80 -3.84
CA SER A 302 2.20 -7.32 -3.94
C SER A 302 2.83 -7.45 -2.57
N SER A 303 2.75 -6.38 -1.77
CA SER A 303 3.32 -6.36 -0.43
C SER A 303 2.67 -7.42 0.45
N GLU A 304 1.34 -7.49 0.41
CA GLU A 304 0.63 -8.43 1.27
C GLU A 304 0.90 -9.87 0.86
N GLU A 305 1.00 -10.12 -0.45
CA GLU A 305 1.28 -11.46 -0.94
C GLU A 305 2.66 -11.91 -0.51
N ARG A 306 3.68 -11.05 -0.68
CA ARG A 306 5.02 -11.44 -0.26
C ARG A 306 5.10 -11.62 1.24
N ALA A 307 4.39 -10.77 2.00
CA ALA A 307 4.35 -10.92 3.46
C ALA A 307 3.73 -12.25 3.85
N ALA A 308 2.61 -12.61 3.22
CA ALA A 308 1.95 -13.87 3.52
C ALA A 308 2.83 -15.06 3.13
N GLU A 309 3.51 -14.96 2.00
CA GLU A 309 4.41 -16.02 1.57
C GLU A 309 5.55 -16.22 2.56
N ALA A 310 6.13 -15.10 3.03
CA ALA A 310 7.17 -15.19 4.04
C ALA A 310 6.65 -15.77 5.34
N ALA A 311 5.43 -15.39 5.72
CA ALA A 311 4.82 -15.93 6.94
C ALA A 311 4.62 -17.43 6.82
N GLU A 312 4.17 -17.89 5.66
CA GLU A 312 4.00 -19.33 5.42
C GLU A 312 5.35 -20.05 5.48
N ASP A 313 6.37 -19.46 4.88
CA ASP A 313 7.72 -20.01 4.96
C ASP A 313 8.15 -20.17 6.41
N SER A 314 7.98 -19.11 7.19
CA SER A 314 8.38 -19.15 8.60
C SER A 314 7.62 -20.20 9.37
N HIS A 315 6.29 -20.24 9.20
CA HIS A 315 5.44 -21.18 9.94
C HIS A 315 5.80 -22.63 9.61
N ARG A 316 5.91 -22.95 8.32
CA ARG A 316 6.15 -24.33 7.93
C ARG A 316 7.60 -24.72 8.21
N ALA A 317 8.50 -23.73 8.24
CA ALA A 317 9.87 -23.98 8.69
C ALA A 317 9.91 -24.14 10.20
N ALA A 318 9.15 -23.31 10.92
CA ALA A 318 9.08 -23.44 12.37
C ALA A 318 8.38 -24.72 12.77
N LEU A 319 7.70 -25.37 11.82
CA LEU A 319 7.05 -26.65 12.10
C LEU A 319 8.08 -27.74 12.41
N LEU A 320 9.35 -27.47 12.12
CA LEU A 320 10.43 -28.34 12.61
C LEU A 320 10.44 -28.38 14.13
N GLY A 321 9.89 -27.36 14.77
CA GLY A 321 9.74 -27.34 16.21
C GLY A 321 8.89 -28.48 16.72
N PRO A 322 7.64 -28.57 16.23
CA PRO A 322 6.82 -29.75 16.53
C PRO A 322 7.48 -31.05 16.08
N LEU A 323 8.28 -31.01 15.02
CA LEU A 323 9.09 -32.17 14.64
C LEU A 323 10.07 -32.51 15.76
N ALA A 324 10.76 -31.50 16.29
CA ALA A 324 11.73 -31.73 17.35
C ALA A 324 11.09 -32.17 18.65
N THR A 325 9.82 -31.82 18.88
CA THR A 325 9.11 -32.26 20.07
C THR A 325 8.97 -33.77 20.06
N SER A 326 8.48 -34.32 18.94
CA SER A 326 8.38 -35.76 18.79
C SER A 326 9.76 -36.41 18.71
N LEU A 327 10.70 -35.78 18.02
CA LEU A 327 12.03 -36.33 17.85
C LEU A 327 12.78 -36.34 19.18
N GLY A 328 13.28 -37.50 19.58
CA GLY A 328 13.99 -37.62 20.83
C GLY A 328 13.12 -38.21 21.93
N ALA A 329 11.81 -38.02 21.82
CA ALA A 329 10.88 -38.59 22.78
C ALA A 329 10.89 -40.11 22.68
N GLY A 330 10.59 -40.77 23.79
CA GLY A 330 10.61 -42.22 23.84
C GLY A 330 9.61 -42.86 22.91
N GLY A 331 9.81 -44.14 22.61
CA GLY A 331 8.91 -44.83 21.70
C GLY A 331 9.43 -44.87 20.28
N THR A 332 8.76 -45.67 19.45
CA THR A 332 9.17 -45.85 18.07
C THR A 332 8.97 -44.56 17.28
N LEU A 333 9.81 -44.36 16.26
CA LEU A 333 9.65 -43.22 15.37
C LEU A 333 8.26 -43.21 14.74
N GLU A 334 7.78 -44.39 14.34
CA GLU A 334 6.50 -44.49 13.66
C GLU A 334 5.33 -44.06 14.54
N GLU A 335 5.28 -44.56 15.77
CA GLU A 335 4.17 -44.19 16.65
C GLU A 335 4.26 -42.72 17.04
N ALA A 336 5.47 -42.19 17.21
CA ALA A 336 5.64 -40.78 17.52
C ALA A 336 5.17 -39.90 16.37
N LEU A 337 5.47 -40.30 15.13
CA LEU A 337 4.99 -39.56 13.98
C LEU A 337 3.48 -39.71 13.82
N ALA A 338 2.94 -40.87 14.17
CA ALA A 338 1.50 -41.10 14.02
C ALA A 338 0.70 -40.31 15.02
N LYS A 339 1.19 -40.17 16.26
CA LYS A 339 0.48 -39.39 17.27
C LYS A 339 0.36 -37.94 16.83
N ASP A 340 1.37 -37.43 16.14
CA ASP A 340 1.33 -36.10 15.53
C ASP A 340 1.20 -36.18 14.01
N GLY A 341 0.45 -37.16 13.51
CA GLY A 341 0.36 -37.35 12.07
C GLY A 341 -0.27 -36.17 11.35
N ALA A 342 -1.15 -35.44 12.04
CA ALA A 342 -1.84 -34.31 11.43
C ALA A 342 -0.85 -33.28 10.91
N ARG A 343 0.07 -32.84 11.75
CA ARG A 343 1.03 -31.80 11.35
C ARG A 343 1.97 -32.33 10.27
N VAL A 344 2.17 -33.64 10.22
CA VAL A 344 3.01 -34.25 9.20
C VAL A 344 2.41 -34.06 7.81
N LEU A 345 1.09 -34.15 7.70
CA LEU A 345 0.45 -34.18 6.38
C LEU A 345 0.55 -32.84 5.68
N GLU A 346 -0.02 -31.79 6.28
CA GLU A 346 0.00 -30.48 5.64
C GLU A 346 1.40 -29.87 5.65
N LEU A 347 2.34 -30.49 6.38
CA LEU A 347 3.72 -30.07 6.31
C LEU A 347 4.22 -30.01 4.87
N THR A 348 3.89 -31.01 4.07
CA THR A 348 4.16 -30.97 2.63
C THR A 348 2.98 -30.43 1.84
N GLY A 349 1.77 -30.52 2.39
CA GLY A 349 0.58 -30.10 1.70
C GLY A 349 -0.20 -31.28 1.15
N ALA A 350 0.43 -32.44 1.11
CA ALA A 350 -0.25 -33.65 0.71
C ALA A 350 -1.22 -34.09 1.81
N THR A 351 -2.30 -34.74 1.39
CA THR A 351 -3.30 -35.23 2.35
C THR A 351 -2.74 -36.38 3.17
N GLY A 352 -1.81 -37.15 2.62
CA GLY A 352 -1.26 -38.29 3.32
C GLY A 352 0.13 -38.64 2.83
N ALA A 353 0.77 -39.54 3.57
CA ALA A 353 2.12 -39.96 3.27
C ALA A 353 2.37 -41.31 3.94
N ALA A 354 3.14 -42.15 3.26
CA ALA A 354 3.59 -43.41 3.83
C ALA A 354 5.12 -43.41 3.80
N LEU A 355 5.72 -44.45 4.38
CA LEU A 355 7.18 -44.55 4.44
C LEU A 355 7.62 -45.98 4.71
N LEU A 356 8.71 -46.40 4.07
CA LEU A 356 9.14 -47.80 4.11
C LEU A 356 10.10 -48.02 5.27
N LEU A 357 9.70 -48.88 6.21
CA LEU A 357 10.62 -49.38 7.22
C LEU A 357 11.33 -50.66 6.78
N GLY A 358 10.95 -51.24 5.65
CA GLY A 358 11.36 -52.58 5.30
C GLY A 358 10.21 -53.54 5.58
N GLY A 359 9.42 -53.22 6.59
CA GLY A 359 8.19 -53.92 6.89
C GLY A 359 6.99 -53.17 6.36
N GLU A 360 5.91 -53.21 7.15
CA GLU A 360 4.70 -52.51 6.76
C GLU A 360 4.93 -51.00 6.84
N PRO A 361 4.37 -50.21 5.93
CA PRO A 361 4.50 -48.76 5.99
C PRO A 361 3.44 -48.11 6.85
N LEU A 362 3.79 -46.93 7.38
CA LEU A 362 2.87 -46.14 8.20
C LEU A 362 2.31 -44.99 7.38
N LEU A 363 0.98 -44.94 7.29
CA LEU A 363 0.29 -43.87 6.59
C LEU A 363 -0.98 -43.51 7.35
N VAL A 364 -1.36 -42.23 7.25
CA VAL A 364 -2.57 -41.72 7.88
C VAL A 364 -3.32 -40.85 6.88
N GLY A 365 -4.43 -40.25 7.33
CA GLY A 365 -5.23 -39.44 6.42
C GLY A 365 -5.89 -40.31 5.36
N ARG A 366 -5.72 -39.89 4.10
CA ARG A 366 -6.17 -40.73 3.00
C ARG A 366 -5.36 -42.03 2.95
N THR A 367 -6.05 -43.10 2.59
CA THR A 367 -5.43 -44.42 2.69
C THR A 367 -5.31 -45.09 1.33
N PRO A 368 -4.11 -45.11 0.75
CA PRO A 368 -3.89 -45.95 -0.42
C PRO A 368 -3.95 -47.43 -0.07
N SER A 369 -4.33 -48.24 -1.05
CA SER A 369 -4.41 -49.68 -0.84
C SER A 369 -3.06 -50.24 -0.44
N MET A 370 -3.03 -51.05 0.61
CA MET A 370 -1.78 -51.54 1.18
C MET A 370 -0.94 -52.24 0.13
N ASP A 371 -1.47 -53.31 -0.47
CA ASP A 371 -0.74 -54.03 -1.50
C ASP A 371 -0.31 -53.09 -2.62
N GLU A 372 -1.18 -52.15 -2.98
CA GLU A 372 -0.82 -51.09 -3.90
C GLU A 372 0.32 -50.24 -3.34
N VAL A 373 0.35 -50.06 -2.01
CA VAL A 373 1.41 -49.25 -1.42
C VAL A 373 2.76 -49.91 -1.66
N GLU A 374 2.89 -51.22 -1.37
CA GLU A 374 4.18 -51.86 -1.63
C GLU A 374 4.45 -51.96 -3.13
N ALA A 375 3.40 -52.13 -3.94
CA ALA A 375 3.59 -52.17 -5.38
C ALA A 375 4.22 -50.88 -5.89
N LEU A 376 3.68 -49.73 -5.46
CA LEU A 376 4.24 -48.44 -5.87
C LEU A 376 5.61 -48.22 -5.24
N ALA A 377 5.81 -48.70 -4.02
CA ALA A 377 7.12 -48.60 -3.39
C ALA A 377 8.18 -49.32 -4.22
N ALA A 378 7.84 -50.50 -4.72
CA ALA A 378 8.74 -51.21 -5.62
C ALA A 378 8.89 -50.48 -6.95
N TRP A 379 7.79 -49.94 -7.47
CA TRP A 379 7.82 -49.31 -8.79
C TRP A 379 8.59 -47.99 -8.76
N LEU A 380 8.80 -47.40 -7.59
CA LEU A 380 9.52 -46.14 -7.52
C LEU A 380 10.99 -46.32 -7.91
N ALA A 381 11.57 -47.47 -7.57
CA ALA A 381 12.99 -47.69 -7.82
C ALA A 381 13.36 -47.61 -9.29
N PRO A 382 12.63 -48.22 -10.25
CA PRO A 382 13.02 -48.06 -11.66
C PRO A 382 13.02 -46.60 -12.12
N GLN A 383 12.14 -45.77 -11.58
CA GLN A 383 12.21 -44.34 -11.87
C GLN A 383 13.47 -43.77 -11.26
N PRO A 384 14.35 -43.15 -12.05
CA PRO A 384 15.65 -42.72 -11.52
C PRO A 384 15.60 -41.33 -10.90
N PHE A 385 14.93 -41.20 -9.76
CA PHE A 385 14.86 -39.91 -9.08
C PHE A 385 16.15 -39.63 -8.33
N GLN A 386 16.88 -38.61 -8.79
CA GLN A 386 18.11 -38.21 -8.11
C GLN A 386 17.80 -37.56 -6.77
N THR A 387 16.85 -36.61 -6.76
CA THR A 387 16.45 -35.97 -5.52
C THR A 387 14.99 -36.29 -5.21
N SER A 388 14.09 -36.01 -6.16
CA SER A 388 12.67 -36.24 -5.97
C SER A 388 11.95 -36.07 -7.30
N PHE A 389 10.79 -36.71 -7.41
CA PHE A 389 9.85 -36.49 -8.50
C PHE A 389 8.56 -35.90 -7.94
N HIS A 390 7.89 -35.12 -8.80
CA HIS A 390 6.60 -34.53 -8.47
C HIS A 390 5.74 -34.54 -9.72
N THR A 391 4.44 -34.73 -9.52
CA THR A 391 3.53 -34.86 -10.65
C THR A 391 2.13 -34.45 -10.21
N GLU A 392 1.28 -34.19 -11.21
CA GLU A 392 -0.12 -33.92 -11.01
C GLU A 392 -1.03 -34.89 -11.74
N ARG A 393 -0.46 -35.75 -12.57
CA ARG A 393 -1.22 -36.67 -13.41
C ARG A 393 -0.61 -38.08 -13.31
N LEU A 394 -0.43 -38.56 -12.08
CA LEU A 394 0.25 -39.83 -11.84
C LEU A 394 -0.38 -40.98 -12.62
N GLY A 395 -1.69 -40.89 -12.85
CA GLY A 395 -2.36 -41.92 -13.64
C GLY A 395 -1.81 -42.01 -15.05
N SER A 396 -1.47 -40.87 -15.65
CA SER A 396 -0.88 -40.89 -16.99
C SER A 396 0.47 -41.59 -16.98
N LEU A 397 1.32 -41.29 -16.00
CA LEU A 397 2.61 -41.95 -15.90
C LEU A 397 2.45 -43.38 -15.40
N TYR A 398 1.61 -43.58 -14.38
CA TYR A 398 1.40 -44.91 -13.81
C TYR A 398 -0.06 -45.31 -14.02
N PRO A 399 -0.37 -46.10 -15.04
CA PRO A 399 -1.76 -46.47 -15.33
C PRO A 399 -2.47 -47.16 -14.18
N PRO A 400 -1.83 -48.10 -13.45
CA PRO A 400 -2.61 -48.89 -12.48
C PRO A 400 -3.21 -48.10 -11.33
N LEU A 401 -2.84 -46.84 -11.12
CA LEU A 401 -3.53 -46.05 -10.10
C LEU A 401 -4.64 -45.20 -10.69
N ALA A 402 -4.99 -45.42 -11.96
CA ALA A 402 -6.16 -44.75 -12.52
C ALA A 402 -7.44 -45.15 -11.78
N ALA A 403 -7.46 -46.37 -11.23
CA ALA A 403 -8.60 -46.79 -10.41
C ALA A 403 -8.66 -46.01 -9.11
N ARG A 404 -7.52 -45.90 -8.42
CA ARG A 404 -7.41 -45.11 -7.20
C ARG A 404 -6.78 -43.77 -7.58
N ALA A 405 -7.53 -42.99 -8.35
CA ALA A 405 -7.04 -41.73 -8.87
C ALA A 405 -7.70 -40.54 -8.20
N ASP A 406 -8.97 -40.66 -7.82
CA ASP A 406 -9.62 -39.62 -7.05
C ASP A 406 -9.17 -39.61 -5.60
N VAL A 407 -8.35 -40.58 -5.20
CA VAL A 407 -7.66 -40.54 -3.92
C VAL A 407 -6.24 -40.00 -4.08
N ALA A 408 -5.62 -40.15 -5.24
CA ALA A 408 -4.33 -39.53 -5.53
C ALA A 408 -4.20 -39.37 -7.03
N ALA A 409 -4.21 -38.12 -7.50
CA ALA A 409 -4.07 -37.83 -8.93
C ALA A 409 -2.68 -37.27 -9.21
N GLY A 410 -2.05 -36.71 -8.18
CA GLY A 410 -0.68 -36.24 -8.27
C GLY A 410 -0.02 -36.23 -6.91
N LEU A 411 1.26 -36.58 -6.83
CA LEU A 411 1.92 -36.75 -5.55
C LEU A 411 3.34 -36.20 -5.60
N LEU A 412 3.97 -36.21 -4.43
CA LEU A 412 5.39 -35.95 -4.26
C LEU A 412 6.01 -37.15 -3.55
N ALA A 413 7.28 -37.43 -3.86
CA ALA A 413 7.96 -38.57 -3.27
C ALA A 413 9.44 -38.25 -3.13
N VAL A 414 10.09 -38.99 -2.24
CA VAL A 414 11.51 -38.80 -1.96
C VAL A 414 12.06 -40.05 -1.28
N ARG A 415 13.32 -40.36 -1.54
CA ARG A 415 13.98 -41.50 -0.90
C ARG A 415 14.07 -41.29 0.60
N LEU A 416 13.45 -42.18 1.38
CA LEU A 416 13.64 -42.17 2.82
C LEU A 416 15.11 -42.41 3.17
N ALA A 417 15.67 -43.48 2.63
CA ALA A 417 17.08 -43.79 2.72
C ALA A 417 17.67 -43.93 1.33
N PRO A 418 18.64 -43.09 0.97
CA PRO A 418 19.23 -43.18 -0.38
C PRO A 418 19.89 -44.52 -0.65
N ALA A 419 20.49 -45.11 0.38
CA ALA A 419 21.21 -46.38 0.22
C ALA A 419 20.25 -47.56 0.13
N SER A 420 19.44 -47.76 1.16
CA SER A 420 18.56 -48.92 1.20
C SER A 420 17.26 -48.63 0.46
N SER A 421 16.40 -49.64 0.38
CA SER A 421 15.11 -49.52 -0.30
C SER A 421 14.08 -48.71 0.49
N ARG A 422 14.41 -48.11 1.63
CA ARG A 422 13.45 -47.29 2.36
C ARG A 422 13.08 -46.05 1.57
N LEU A 423 11.80 -45.87 1.27
CA LEU A 423 11.30 -44.77 0.47
C LEU A 423 10.11 -44.11 1.17
N ALA A 424 9.67 -42.98 0.62
CA ALA A 424 8.53 -42.26 1.16
C ALA A 424 7.87 -41.46 0.05
N LEU A 425 6.57 -41.24 0.19
CA LEU A 425 5.78 -40.50 -0.80
C LEU A 425 4.93 -39.46 -0.08
N TRP A 426 4.20 -38.66 -0.87
CA TRP A 426 3.30 -37.62 -0.37
C TRP A 426 2.16 -37.51 -1.37
N PHE A 427 1.08 -38.24 -1.13
CA PHE A 427 0.02 -38.34 -2.11
C PHE A 427 -1.09 -37.32 -1.85
N ARG A 428 -1.73 -36.88 -2.94
CA ARG A 428 -2.78 -35.88 -2.89
C ARG A 428 -3.82 -36.17 -3.98
N PRO A 429 -5.11 -36.16 -3.65
CA PRO A 429 -6.13 -36.54 -4.64
C PRO A 429 -6.42 -35.48 -5.68
N GLU A 430 -7.35 -35.79 -6.58
CA GLU A 430 -7.80 -34.83 -7.58
C GLU A 430 -8.59 -33.73 -6.89
N ALA A 431 -8.45 -32.50 -7.39
CA ALA A 431 -9.02 -31.34 -6.72
C ALA A 431 -10.50 -31.15 -7.06
N VAL A 432 -11.38 -31.88 -6.38
CA VAL A 432 -12.82 -31.69 -6.54
C VAL A 432 -13.46 -31.46 -5.17
N ARG A 433 -13.15 -32.32 -4.19
CA ARG A 433 -13.79 -32.23 -2.89
C ARG A 433 -13.27 -31.07 -2.06
N THR A 434 -12.12 -30.51 -2.43
CA THR A 434 -11.53 -29.40 -1.69
C THR A 434 -12.47 -28.20 -1.67
N ILE A 435 -12.80 -27.66 -2.85
CA ILE A 435 -13.75 -26.56 -2.92
C ILE A 435 -15.16 -27.08 -2.65
N SER A 436 -15.99 -26.22 -2.08
CA SER A 436 -17.38 -26.57 -1.82
C SER A 436 -18.15 -26.75 -3.13
N TRP A 437 -19.42 -27.14 -2.99
CA TRP A 437 -20.28 -27.36 -4.14
C TRP A 437 -20.55 -26.07 -4.93
N ALA A 438 -20.04 -24.93 -4.46
CA ALA A 438 -20.35 -23.63 -5.04
C ALA A 438 -19.84 -23.47 -6.46
N GLY A 439 -19.22 -24.51 -7.01
CA GLY A 439 -18.72 -24.46 -8.37
C GLY A 439 -19.81 -24.60 -9.42
N ASN A 440 -21.05 -24.33 -9.04
CA ASN A 440 -22.17 -24.31 -9.96
C ASN A 440 -23.14 -23.22 -9.53
N PRO A 441 -23.91 -22.65 -10.46
CA PRO A 441 -24.82 -21.56 -10.10
C PRO A 441 -26.21 -22.03 -9.74
N ARG A 442 -26.52 -23.31 -10.01
CA ARG A 442 -27.85 -23.87 -9.80
C ARG A 442 -28.91 -23.10 -10.57
N LYS A 443 -30.19 -23.38 -10.29
CA LYS A 443 -31.33 -22.69 -10.88
C LYS A 443 -31.22 -22.60 -12.40
N PRO A 444 -31.40 -23.72 -13.12
CA PRO A 444 -31.27 -23.69 -14.59
C PRO A 444 -32.24 -22.70 -15.24
N ALA A 445 -31.75 -21.99 -16.26
CA ALA A 445 -32.55 -20.97 -16.92
C ALA A 445 -33.63 -21.61 -17.78
N GLU A 446 -34.81 -21.00 -17.81
CA GLU A 446 -35.90 -21.51 -18.63
C GLU A 446 -35.60 -21.48 -20.12
N PRO A 447 -35.13 -20.39 -20.72
CA PRO A 447 -34.79 -20.41 -22.15
C PRO A 447 -33.65 -21.37 -22.42
N GLU A 448 -33.78 -22.15 -23.49
CA GLU A 448 -32.76 -23.13 -23.84
C GLU A 448 -31.56 -22.44 -24.48
N PRO A 449 -30.39 -22.46 -23.86
CA PRO A 449 -29.21 -21.83 -24.46
C PRO A 449 -28.35 -22.81 -25.25
N GLY A 450 -27.65 -22.33 -26.27
CA GLY A 450 -26.56 -23.12 -26.82
C GLY A 450 -25.48 -23.44 -25.81
N HIS A 451 -25.28 -22.57 -24.82
CA HIS A 451 -24.60 -22.81 -23.55
C HIS A 451 -23.13 -23.16 -23.72
N ALA A 452 -22.64 -23.21 -24.97
CA ALA A 452 -21.21 -23.35 -25.18
C ALA A 452 -20.46 -22.09 -24.82
N ARG A 453 -21.15 -20.96 -24.71
CA ARG A 453 -20.56 -19.69 -24.37
C ARG A 453 -21.04 -19.13 -23.04
N LEU A 454 -21.91 -19.86 -22.34
CA LEU A 454 -22.54 -19.38 -21.12
C LEU A 454 -21.93 -20.12 -19.93
N HIS A 455 -21.24 -19.37 -19.07
CA HIS A 455 -20.65 -19.99 -17.89
C HIS A 455 -21.67 -20.69 -16.99
N PRO A 456 -22.81 -20.09 -16.63
CA PRO A 456 -23.81 -20.85 -15.86
C PRO A 456 -24.25 -22.08 -16.64
N ARG A 457 -24.52 -23.15 -15.90
CA ARG A 457 -24.89 -24.48 -16.42
C ARG A 457 -24.06 -24.91 -17.64
N GLY A 458 -24.04 -24.11 -18.70
CA GLY A 458 -23.39 -24.50 -19.94
C GLY A 458 -21.89 -24.66 -19.88
N SER A 459 -21.16 -23.58 -19.67
CA SER A 459 -19.71 -23.63 -19.69
C SER A 459 -19.20 -24.13 -18.33
N PHE A 460 -17.90 -24.01 -18.12
CA PHE A 460 -17.18 -24.55 -16.97
C PHE A 460 -17.09 -26.06 -17.08
N GLN A 461 -17.79 -26.63 -18.07
CA GLN A 461 -17.64 -28.05 -18.36
C GLN A 461 -16.30 -28.31 -19.04
N ALA A 462 -15.88 -27.39 -19.91
CA ALA A 462 -14.54 -27.45 -20.48
C ALA A 462 -13.49 -27.30 -19.39
N TRP A 463 -13.72 -26.38 -18.44
CA TRP A 463 -12.80 -26.19 -17.33
C TRP A 463 -12.66 -27.45 -16.49
N GLU A 464 -13.78 -28.02 -16.06
CA GLU A 464 -13.73 -29.22 -15.23
C GLU A 464 -13.18 -30.41 -15.99
N GLU A 465 -13.43 -30.46 -17.30
CA GLU A 465 -12.88 -31.54 -18.11
C GLU A 465 -11.36 -31.42 -18.23
N THR A 466 -10.86 -30.19 -18.39
CA THR A 466 -9.43 -29.96 -18.48
C THR A 466 -8.74 -30.28 -17.17
N VAL A 467 -9.33 -29.85 -16.06
CA VAL A 467 -8.70 -30.11 -14.76
C VAL A 467 -9.01 -31.52 -14.29
N ARG A 468 -9.89 -32.23 -14.99
CA ARG A 468 -10.27 -33.58 -14.58
C ARG A 468 -9.05 -34.49 -14.51
N GLU A 469 -8.97 -35.26 -13.43
CA GLU A 469 -7.80 -36.11 -13.16
C GLU A 469 -6.52 -35.27 -13.09
N THR A 470 -6.47 -34.41 -12.08
CA THR A 470 -5.31 -33.55 -11.87
C THR A 470 -5.31 -33.08 -10.43
N SER A 471 -4.16 -33.16 -9.78
CA SER A 471 -3.94 -32.64 -8.45
C SER A 471 -3.35 -31.24 -8.52
N PRO A 472 -3.51 -30.44 -7.47
CA PRO A 472 -2.96 -29.09 -7.48
C PRO A 472 -1.44 -29.10 -7.59
N ALA A 473 -0.90 -28.01 -8.11
CA ALA A 473 0.53 -27.91 -8.37
C ALA A 473 1.32 -27.96 -7.06
N TRP A 474 2.61 -28.22 -7.20
CA TRP A 474 3.51 -28.35 -6.06
C TRP A 474 4.26 -27.05 -5.83
N LYS A 475 4.99 -26.99 -4.72
CA LYS A 475 5.73 -25.79 -4.34
C LYS A 475 7.16 -26.18 -4.00
N ARG A 476 8.13 -25.41 -4.52
CA ARG A 476 9.53 -25.68 -4.27
C ARG A 476 9.89 -25.53 -2.80
N ALA A 477 9.28 -24.57 -2.12
CA ALA A 477 9.55 -24.35 -0.70
C ALA A 477 9.21 -25.60 0.11
N ASP A 478 8.20 -26.36 -0.33
CA ASP A 478 7.88 -27.62 0.32
C ASP A 478 9.03 -28.61 0.18
N LEU A 479 9.62 -28.68 -1.02
CA LEU A 479 10.76 -29.55 -1.24
C LEU A 479 11.97 -29.07 -0.45
N ALA A 480 12.00 -27.78 -0.12
CA ALA A 480 13.13 -27.23 0.64
C ALA A 480 13.24 -27.89 2.01
N ALA A 481 12.11 -28.10 2.67
CA ALA A 481 12.13 -28.69 4.01
C ALA A 481 12.31 -30.21 3.95
N ALA A 482 12.26 -30.79 2.75
CA ALA A 482 12.38 -32.24 2.61
C ALA A 482 13.72 -32.74 3.11
N GLU A 483 14.79 -31.97 2.86
CA GLU A 483 16.11 -32.36 3.33
C GLU A 483 16.18 -32.37 4.86
N GLY A 484 15.31 -31.59 5.51
CA GLY A 484 15.24 -31.66 6.96
C GLY A 484 14.77 -33.01 7.46
N PHE A 485 13.72 -33.56 6.84
CA PHE A 485 13.28 -34.91 7.17
C PHE A 485 14.33 -35.94 6.75
N ARG A 486 15.09 -35.62 5.70
CA ARG A 486 16.10 -36.53 5.16
C ARG A 486 17.13 -36.91 6.22
N SER A 487 17.46 -35.97 7.09
CA SER A 487 18.45 -36.22 8.14
C SER A 487 17.86 -36.84 9.40
N ALA A 488 16.67 -37.43 9.36
CA ALA A 488 16.06 -38.02 10.55
C ALA A 488 16.88 -39.19 11.07
N LEU A 489 17.22 -40.13 10.19
CA LEU A 489 18.01 -41.29 10.59
C LEU A 489 19.30 -41.37 9.77
N GLU B 9 11.35 30.19 26.42
CA GLU B 9 12.18 29.93 27.58
C GLU B 9 11.36 29.44 28.76
N LEU B 10 10.04 29.63 28.66
CA LEU B 10 9.15 29.24 29.73
C LEU B 10 9.12 27.73 29.89
N SER B 11 9.03 27.28 31.14
CA SER B 11 8.96 25.86 31.45
C SER B 11 7.62 25.25 31.09
N GLN B 12 6.65 26.05 30.63
CA GLN B 12 5.34 25.55 30.26
C GLN B 12 5.23 25.20 28.78
N CYS B 13 6.31 25.33 28.01
CA CYS B 13 6.28 24.97 26.59
C CYS B 13 5.82 23.53 26.40
N ASP B 14 6.19 22.66 27.33
CA ASP B 14 5.72 21.29 27.29
C ASP B 14 4.26 21.19 27.74
N ARG B 15 3.86 22.06 28.67
CA ARG B 15 2.55 21.97 29.29
C ARG B 15 1.55 22.99 28.78
N GLU B 16 1.96 23.96 27.98
CA GLU B 16 1.05 24.99 27.50
C GLU B 16 -0.05 24.35 26.66
N PRO B 17 -1.32 24.58 26.97
CA PRO B 17 -2.41 24.09 26.13
C PRO B 17 -2.56 24.97 24.90
N ILE B 18 -2.25 24.40 23.74
CA ILE B 18 -2.27 25.14 22.48
C ILE B 18 -3.69 25.59 22.18
N HIS B 19 -4.67 24.92 22.77
CA HIS B 19 -6.06 25.31 22.60
C HIS B 19 -6.38 26.67 23.22
N LEU B 20 -5.53 27.18 24.12
CA LEU B 20 -5.82 28.43 24.82
C LEU B 20 -5.08 29.64 24.26
N LEU B 21 -4.38 29.50 23.13
CA LEU B 21 -3.67 30.65 22.57
C LEU B 21 -4.64 31.74 22.14
N GLY B 22 -5.83 31.36 21.68
CA GLY B 22 -6.83 32.34 21.28
C GLY B 22 -6.60 32.95 19.93
N GLY B 23 -5.41 33.49 19.71
CA GLY B 23 -5.10 34.27 18.52
C GLY B 23 -5.32 33.57 17.19
N ILE B 24 -5.24 34.34 16.11
CA ILE B 24 -5.48 33.84 14.76
C ILE B 24 -4.50 34.50 13.81
N GLN B 25 -4.35 33.94 12.61
CA GLN B 25 -3.43 34.51 11.64
C GLN B 25 -3.96 35.83 11.09
N ALA B 26 -3.12 36.51 10.31
CA ALA B 26 -3.45 37.82 9.77
C ALA B 26 -4.58 37.76 8.76
N TYR B 27 -4.42 36.93 7.73
CA TYR B 27 -5.38 36.91 6.62
C TYR B 27 -6.64 36.09 6.93
N GLY B 28 -6.71 35.42 8.07
CA GLY B 28 -7.92 34.69 8.41
C GLY B 28 -9.04 35.63 8.79
N VAL B 29 -10.27 35.11 8.73
CA VAL B 29 -11.45 35.89 9.07
C VAL B 29 -12.39 35.07 9.94
N LEU B 30 -12.46 35.42 11.23
CA LEU B 30 -13.24 34.67 12.20
C LEU B 30 -14.73 34.84 11.96
N LEU B 31 -15.46 33.73 11.95
CA LEU B 31 -16.90 33.72 11.78
C LEU B 31 -17.51 32.51 12.49
N ALA B 32 -18.70 32.72 13.06
CA ALA B 32 -19.42 31.63 13.72
C ALA B 32 -20.90 31.97 13.86
N PHE B 33 -21.74 30.95 14.10
CA PHE B 33 -23.17 31.12 14.29
C PHE B 33 -23.62 30.36 15.54
N ARG B 34 -24.70 30.84 16.16
CA ARG B 34 -25.27 30.21 17.35
C ARG B 34 -26.51 29.39 16.98
N GLY B 35 -26.31 28.12 16.64
CA GLY B 35 -27.38 27.16 16.54
C GLY B 35 -28.51 27.54 15.62
N PRO B 36 -29.75 27.40 16.10
CA PRO B 36 -30.92 27.62 15.23
C PRO B 36 -31.00 29.04 14.67
N ASP B 37 -31.07 30.04 15.54
CA ASP B 37 -31.08 31.42 15.07
C ASP B 37 -29.73 31.86 14.52
N ARG B 38 -28.69 31.07 14.72
CA ARG B 38 -27.37 31.30 14.11
C ARG B 38 -26.79 32.65 14.52
N ARG B 39 -26.99 33.01 15.78
CA ARG B 39 -26.50 34.29 16.26
C ARG B 39 -24.97 34.32 16.27
N LEU B 40 -24.43 35.53 16.18
CA LEU B 40 -23.00 35.71 15.95
C LEU B 40 -22.19 35.40 17.21
N GLU B 41 -20.88 35.57 17.10
CA GLU B 41 -19.93 35.22 18.15
C GLU B 41 -18.72 36.15 18.15
N VAL B 42 -17.64 35.68 18.78
CA VAL B 42 -16.38 36.41 18.80
C VAL B 42 -15.96 36.76 17.37
N VAL B 43 -15.31 37.92 17.22
CA VAL B 43 -14.81 38.40 15.95
C VAL B 43 -13.43 39.00 16.17
N SER B 44 -12.84 39.51 15.10
CA SER B 44 -11.50 40.10 15.14
C SER B 44 -11.49 41.42 14.36
N ALA B 45 -10.55 42.29 14.73
CA ALA B 45 -10.49 43.62 14.13
C ALA B 45 -10.16 43.55 12.64
N ASN B 46 -9.20 42.70 12.27
CA ASN B 46 -8.83 42.59 10.85
C ASN B 46 -9.98 42.08 10.01
N THR B 47 -10.89 41.31 10.62
CA THR B 47 -11.98 40.71 9.87
C THR B 47 -12.93 41.75 9.30
N GLN B 48 -13.17 42.83 10.06
CA GLN B 48 -14.19 43.79 9.68
C GLN B 48 -13.85 44.45 8.34
N ALA B 49 -12.56 44.59 8.04
CA ALA B 49 -12.15 45.26 6.81
C ALA B 49 -12.68 44.52 5.58
N LEU B 50 -12.76 43.20 5.65
CA LEU B 50 -13.31 42.43 4.53
C LEU B 50 -14.76 42.77 4.29
N LEU B 51 -15.55 42.91 5.36
CA LEU B 51 -16.96 43.22 5.20
C LEU B 51 -17.21 44.73 5.21
N GLY B 52 -16.40 45.48 5.95
CA GLY B 52 -16.46 46.93 5.90
C GLY B 52 -16.90 47.61 7.18
N ARG B 53 -17.91 47.09 7.85
CA ARG B 53 -18.32 47.80 9.05
C ARG B 53 -17.55 47.30 10.27
N PRO B 54 -17.36 48.15 11.28
CA PRO B 54 -16.47 47.81 12.40
C PRO B 54 -16.97 46.59 13.17
N PRO B 55 -16.07 45.85 13.83
CA PRO B 55 -16.50 44.60 14.47
C PRO B 55 -17.58 44.80 15.53
N GLU B 56 -17.52 45.90 16.28
CA GLU B 56 -18.57 46.16 17.25
C GLU B 56 -19.90 46.44 16.57
N ALA B 57 -19.86 46.99 15.35
CA ALA B 57 -21.09 47.16 14.58
C ALA B 57 -21.67 45.81 14.19
N LEU B 58 -20.81 44.81 13.97
CA LEU B 58 -21.31 43.47 13.70
C LEU B 58 -22.06 42.90 14.90
N LEU B 59 -21.50 43.09 16.09
CA LEU B 59 -22.07 42.50 17.31
C LEU B 59 -23.48 43.00 17.57
N GLY B 60 -24.35 42.09 18.02
CA GLY B 60 -25.63 42.42 18.55
C GLY B 60 -26.81 42.19 17.62
N LYS B 61 -26.58 41.93 16.34
CA LYS B 61 -27.67 41.80 15.40
C LYS B 61 -27.71 40.38 14.81
N THR B 62 -28.71 40.15 13.94
CA THR B 62 -29.08 38.80 13.55
C THR B 62 -28.06 38.18 12.60
N ALA B 63 -28.20 36.87 12.41
CA ALA B 63 -27.34 36.10 11.51
C ALA B 63 -27.32 36.69 10.11
N ALA B 64 -28.48 36.72 9.45
CA ALA B 64 -28.54 37.17 8.07
C ALA B 64 -28.07 38.61 7.92
N GLN B 65 -28.26 39.42 8.97
CA GLN B 65 -27.88 40.82 8.90
C GLN B 65 -26.36 40.98 8.77
N VAL B 66 -25.60 40.18 9.51
CA VAL B 66 -24.14 40.23 9.43
C VAL B 66 -23.69 39.37 8.25
N LEU B 67 -24.61 38.61 7.67
CA LEU B 67 -24.30 37.60 6.67
C LEU B 67 -24.41 38.18 5.26
N PRO B 68 -23.36 38.10 4.46
CA PRO B 68 -23.51 38.34 3.02
C PRO B 68 -24.23 37.18 2.37
N ALA B 69 -25.57 37.22 2.39
CA ALA B 69 -26.38 36.04 2.10
C ALA B 69 -26.10 35.46 0.72
N GLU B 70 -25.56 36.26 -0.21
CA GLU B 70 -25.19 35.72 -1.52
C GLU B 70 -24.14 34.63 -1.38
N LEU B 71 -23.29 34.72 -0.35
CA LEU B 71 -22.40 33.62 -0.03
C LEU B 71 -23.15 32.48 0.63
N TRP B 72 -24.17 32.81 1.44
CA TRP B 72 -24.97 31.79 2.09
C TRP B 72 -25.82 31.01 1.10
N ALA B 73 -25.92 31.51 -0.14
CA ALA B 73 -26.69 30.83 -1.19
C ALA B 73 -26.06 29.49 -1.54
N GLN B 74 -24.83 29.26 -1.10
CA GLN B 74 -24.17 27.98 -1.27
C GLN B 74 -24.08 27.17 0.02
N TRP B 75 -24.62 27.67 1.13
CA TRP B 75 -24.43 27.02 2.43
C TRP B 75 -25.14 25.66 2.48
N GLU B 76 -26.29 25.56 1.82
CA GLU B 76 -27.06 24.33 1.85
C GLU B 76 -26.22 23.19 1.30
N LEU B 77 -25.43 23.48 0.26
CA LEU B 77 -24.44 22.54 -0.23
C LEU B 77 -23.21 22.48 0.66
N LEU B 78 -22.89 23.58 1.35
CA LEU B 78 -21.73 23.59 2.26
C LEU B 78 -21.90 22.59 3.38
N SER B 79 -23.15 22.33 3.77
CA SER B 79 -23.45 21.38 4.82
C SER B 79 -22.86 20.00 4.51
N ALA B 80 -22.75 19.68 3.22
CA ALA B 80 -22.18 18.40 2.78
C ALA B 80 -20.75 18.57 2.28
N ARG B 81 -20.53 19.48 1.32
CA ARG B 81 -19.22 19.63 0.70
C ARG B 81 -18.16 20.07 1.72
N GLY B 82 -18.53 20.99 2.62
CA GLY B 82 -17.58 21.57 3.55
C GLY B 82 -16.80 22.76 3.03
N ALA B 83 -16.72 22.94 1.71
CA ALA B 83 -15.91 24.02 1.14
C ALA B 83 -16.12 24.21 -0.35
N LEU B 84 -16.24 25.47 -0.80
CA LEU B 84 -16.00 25.82 -2.19
C LEU B 84 -15.43 27.23 -2.25
N ARG B 85 -14.86 27.56 -3.40
CA ARG B 85 -14.33 28.89 -3.62
C ARG B 85 -15.42 29.81 -4.15
N VAL B 86 -15.66 30.91 -3.43
CA VAL B 86 -16.71 31.85 -3.79
C VAL B 86 -16.08 33.22 -4.05
N ALA B 87 -16.62 33.90 -5.06
CA ALA B 87 -16.08 35.19 -5.49
C ALA B 87 -16.79 36.30 -4.72
N LEU B 88 -16.15 36.78 -3.65
CA LEU B 88 -16.62 37.96 -2.93
C LEU B 88 -16.46 39.18 -3.82
N PRO B 89 -17.30 40.21 -3.68
CA PRO B 89 -17.13 41.42 -4.50
C PRO B 89 -15.75 42.03 -4.42
N SER B 90 -15.02 41.75 -3.34
CA SER B 90 -13.62 42.21 -3.21
C SER B 90 -12.70 41.27 -3.99
N GLY B 91 -12.75 39.98 -3.68
CA GLY B 91 -11.94 39.00 -4.36
C GLY B 91 -12.42 37.58 -4.09
N PRO B 92 -11.77 36.61 -4.71
CA PRO B 92 -12.16 35.21 -4.48
C PRO B 92 -11.84 34.76 -3.05
N TYR B 93 -12.70 33.90 -2.53
CA TYR B 93 -12.56 33.43 -1.15
C TYR B 93 -13.08 32.01 -1.05
N ARG B 94 -12.46 31.22 -0.18
CA ARG B 94 -12.82 29.81 -0.01
C ARG B 94 -13.61 29.64 1.28
N ALA B 95 -14.81 29.08 1.17
CA ALA B 95 -15.65 28.87 2.35
C ALA B 95 -15.16 27.65 3.13
N LEU B 96 -15.28 27.73 4.45
CA LEU B 96 -14.90 26.62 5.33
C LEU B 96 -16.01 26.43 6.36
N LEU B 97 -16.53 25.21 6.47
CA LEU B 97 -17.51 24.85 7.47
C LEU B 97 -16.86 23.97 8.53
N HIS B 98 -17.22 24.22 9.80
CA HIS B 98 -16.68 23.46 10.91
C HIS B 98 -17.60 23.64 12.10
N GLU B 99 -17.42 22.80 13.11
CA GLU B 99 -18.14 22.91 14.38
C GLU B 99 -17.16 22.66 15.51
N SER B 100 -17.24 23.47 16.56
CA SER B 100 -16.35 23.35 17.71
C SER B 100 -17.02 23.89 18.96
N ASP B 101 -16.71 23.27 20.09
CA ASP B 101 -17.20 23.69 21.40
C ASP B 101 -18.74 23.76 21.41
N GLY B 102 -19.35 22.76 20.77
CA GLY B 102 -20.80 22.73 20.64
C GLY B 102 -21.32 23.96 19.94
N LEU B 103 -20.61 24.40 18.90
CA LEU B 103 -20.91 25.66 18.25
C LEU B 103 -20.38 25.64 16.81
N THR B 104 -21.15 26.22 15.89
CA THR B 104 -20.78 26.22 14.49
C THR B 104 -19.55 27.10 14.26
N VAL B 105 -18.69 26.65 13.34
CA VAL B 105 -17.49 27.39 12.98
C VAL B 105 -17.46 27.62 11.47
N LEU B 106 -17.44 28.87 11.05
CA LEU B 106 -17.37 29.22 9.64
C LEU B 106 -16.12 30.02 9.37
N GLU B 107 -15.50 29.79 8.22
CA GLU B 107 -14.23 30.41 7.91
C GLU B 107 -14.15 30.70 6.42
N LEU B 108 -13.51 31.82 6.11
CA LEU B 108 -13.14 32.17 4.75
C LEU B 108 -11.64 32.38 4.71
N GLU B 109 -11.06 32.30 3.52
CA GLU B 109 -9.62 32.47 3.40
C GLU B 109 -9.30 33.04 2.03
N PRO B 110 -8.23 33.83 1.89
CA PRO B 110 -7.88 34.37 0.57
C PRO B 110 -7.63 33.25 -0.43
N ALA B 111 -8.46 33.19 -1.47
CA ALA B 111 -8.41 32.08 -2.42
C ALA B 111 -7.20 32.21 -3.33
N GLU B 112 -7.11 31.34 -4.32
CA GLU B 112 -5.97 31.34 -5.22
C GLU B 112 -5.94 32.62 -6.04
N LEU B 113 -4.99 33.51 -5.72
CA LEU B 113 -4.83 34.74 -6.48
C LEU B 113 -4.47 34.45 -7.93
N GLN B 114 -3.79 33.33 -8.16
CA GLN B 114 -3.52 32.89 -9.52
C GLN B 114 -4.84 32.65 -10.25
N PRO B 115 -5.01 33.18 -11.46
CA PRO B 115 -6.22 32.88 -12.24
C PRO B 115 -6.38 31.40 -12.56
N ASP B 116 -5.29 30.63 -12.45
CA ASP B 116 -5.24 29.17 -12.44
C ASP B 116 -6.24 28.48 -13.37
N MET B 117 -6.26 28.88 -14.64
CA MET B 117 -6.84 28.00 -15.66
C MET B 117 -6.08 26.69 -15.69
N GLU B 118 -4.75 26.77 -15.62
CA GLU B 118 -3.90 25.61 -15.38
C GLU B 118 -3.84 25.35 -13.87
N GLU B 119 -2.92 24.48 -13.45
CA GLU B 119 -2.87 23.97 -12.08
C GLU B 119 -4.23 23.38 -11.67
N THR B 120 -4.80 22.64 -12.62
CA THR B 120 -6.12 22.06 -12.42
C THR B 120 -6.06 20.97 -11.36
N ALA B 121 -7.21 20.38 -11.06
CA ALA B 121 -7.27 19.34 -10.06
C ALA B 121 -6.79 18.01 -10.65
N LEU B 122 -6.11 17.23 -9.81
CA LEU B 122 -5.60 15.88 -10.04
C LEU B 122 -4.54 15.84 -11.13
N GLU B 123 -4.20 16.97 -11.75
CA GLU B 123 -3.10 16.95 -12.70
C GLU B 123 -1.80 16.88 -11.91
N LEU B 124 -1.79 17.53 -10.74
CA LEU B 124 -0.66 17.43 -9.82
C LEU B 124 -0.63 16.02 -9.24
N VAL B 125 -1.80 15.42 -9.05
CA VAL B 125 -1.87 14.06 -8.52
C VAL B 125 -1.22 13.09 -9.50
N ARG B 126 -1.55 13.21 -10.79
CA ARG B 126 -0.90 12.37 -11.80
C ARG B 126 0.56 12.72 -11.95
N ARG B 127 0.92 13.98 -11.72
CA ARG B 127 2.34 14.35 -11.67
C ARG B 127 3.07 13.58 -10.58
N LEU B 128 2.47 13.46 -9.40
CA LEU B 128 3.16 12.89 -8.24
C LEU B 128 3.06 11.38 -8.13
N VAL B 129 2.03 10.75 -8.70
CA VAL B 129 1.92 9.30 -8.59
C VAL B 129 2.87 8.61 -9.57
N SER B 130 3.26 9.29 -10.63
CA SER B 130 4.20 8.71 -11.59
C SER B 130 5.53 8.33 -10.98
N PRO B 131 6.17 9.14 -10.11
CA PRO B 131 7.42 8.67 -9.47
C PRO B 131 7.25 7.44 -8.59
N LEU B 132 6.01 7.02 -8.31
CA LEU B 132 5.79 5.84 -7.47
C LEU B 132 6.00 4.57 -8.29
N ALA B 133 7.19 4.42 -8.88
CA ALA B 133 7.49 3.27 -9.73
C ALA B 133 7.93 2.07 -8.91
N GLY B 134 9.04 2.20 -8.19
CA GLY B 134 9.61 1.08 -7.45
C GLY B 134 8.80 0.66 -6.25
N ALA B 135 8.79 1.51 -5.21
CA ALA B 135 8.06 1.27 -3.97
C ALA B 135 8.39 -0.11 -3.39
N LYS B 136 9.70 -0.36 -3.27
CA LYS B 136 10.21 -1.65 -2.82
C LYS B 136 10.60 -1.61 -1.35
N GLY B 137 11.49 -0.70 -0.95
CA GLY B 137 11.99 -0.66 0.40
C GLY B 137 11.18 0.27 1.28
N THR B 138 11.90 0.96 2.17
CA THR B 138 11.30 1.91 3.09
C THR B 138 11.84 3.33 2.87
N ARG B 139 13.17 3.46 2.83
CA ARG B 139 13.81 4.76 2.70
C ARG B 139 13.41 5.47 1.40
N GLU B 140 13.52 4.74 0.28
CA GLU B 140 13.29 5.36 -1.02
C GLU B 140 11.86 5.85 -1.17
N LEU B 141 10.91 5.25 -0.45
CA LEU B 141 9.53 5.67 -0.50
C LEU B 141 9.41 7.15 -0.14
N LEU B 142 9.72 7.47 1.11
CA LEU B 142 9.62 8.83 1.61
C LEU B 142 10.65 9.73 0.94
N GLN B 143 11.78 9.16 0.52
CA GLN B 143 12.78 9.98 -0.17
C GLN B 143 12.21 10.51 -1.49
N THR B 144 11.67 9.63 -2.32
CA THR B 144 11.06 10.06 -3.57
C THR B 144 9.84 10.93 -3.33
N ALA B 145 9.06 10.62 -2.30
CA ALA B 145 7.91 11.46 -1.97
C ALA B 145 8.35 12.88 -1.68
N ALA B 146 9.41 13.04 -0.88
CA ALA B 146 9.94 14.36 -0.57
C ALA B 146 10.50 15.03 -1.80
N ASN B 147 11.15 14.26 -2.68
CA ASN B 147 11.67 14.83 -3.92
C ASN B 147 10.53 15.38 -4.78
N THR B 148 9.41 14.65 -4.84
CA THR B 148 8.24 15.15 -5.55
C THR B 148 7.70 16.42 -4.90
N VAL B 149 7.54 16.41 -3.57
CA VAL B 149 7.03 17.58 -2.87
C VAL B 149 7.94 18.78 -3.02
N ARG B 150 9.23 18.55 -3.30
CA ARG B 150 10.15 19.64 -3.57
C ARG B 150 9.64 20.52 -4.71
N ALA B 151 9.47 19.92 -5.89
CA ALA B 151 8.96 20.67 -7.03
C ALA B 151 7.49 21.04 -6.85
N LEU B 152 6.73 20.18 -6.16
CA LEU B 152 5.32 20.45 -5.91
C LEU B 152 5.11 21.76 -5.17
N THR B 153 5.63 21.83 -3.93
CA THR B 153 5.59 23.06 -3.16
C THR B 153 6.44 24.15 -3.82
N GLY B 154 7.58 23.76 -4.37
CA GLY B 154 8.51 24.74 -4.93
C GLY B 154 9.11 25.65 -3.90
N PHE B 155 9.33 25.14 -2.68
CA PHE B 155 9.90 25.92 -1.59
C PHE B 155 11.24 25.33 -1.19
N ASP B 156 11.89 25.96 -0.21
CA ASP B 156 13.30 25.68 0.05
C ASP B 156 13.51 24.24 0.51
N ARG B 157 12.70 23.76 1.44
CA ARG B 157 13.08 22.61 2.24
C ARG B 157 11.95 21.60 2.36
N VAL B 158 12.34 20.34 2.52
CA VAL B 158 11.45 19.27 2.96
C VAL B 158 12.18 18.55 4.08
N MET B 159 11.41 17.88 4.95
CA MET B 159 12.00 17.30 6.15
C MET B 159 11.27 16.02 6.51
N VAL B 160 12.00 15.11 7.18
CA VAL B 160 11.48 13.81 7.59
C VAL B 160 11.82 13.62 9.07
N TYR B 161 10.82 13.23 9.86
CA TYR B 161 11.02 12.92 11.27
C TYR B 161 10.49 11.52 11.57
N ARG B 162 11.16 10.81 12.46
CA ARG B 162 10.68 9.56 13.02
C ARG B 162 10.88 9.56 14.53
N PHE B 163 9.90 8.99 15.23
CA PHE B 163 9.88 8.99 16.68
C PHE B 163 10.42 7.66 17.22
N ASP B 164 10.46 7.53 18.54
CA ASP B 164 10.88 6.33 19.24
C ASP B 164 9.75 5.85 20.15
N ALA B 165 10.06 4.88 21.00
CA ALA B 165 9.11 4.39 21.98
C ALA B 165 8.66 5.52 22.90
N ASP B 166 9.60 6.35 23.34
CA ASP B 166 9.27 7.53 24.11
C ASP B 166 9.22 8.76 23.22
N TRP B 167 9.06 8.53 21.91
CA TRP B 167 8.71 9.51 20.87
C TRP B 167 9.82 10.49 20.51
N HIS B 168 11.06 10.28 20.93
CA HIS B 168 12.14 11.20 20.54
C HIS B 168 12.36 11.15 19.03
N GLY B 169 12.50 12.33 18.43
CA GLY B 169 12.65 12.42 16.99
C GLY B 169 14.09 12.22 16.53
N GLU B 170 14.22 11.65 15.34
CA GLU B 170 15.53 11.44 14.72
C GLU B 170 15.41 11.71 13.22
N VAL B 171 16.42 12.37 12.67
CA VAL B 171 16.42 12.78 11.28
C VAL B 171 16.68 11.56 10.40
N LEU B 172 15.67 11.16 9.62
CA LEU B 172 15.87 10.07 8.67
C LEU B 172 16.36 10.59 7.31
N ALA B 173 15.59 11.44 6.66
CA ALA B 173 15.90 11.89 5.31
C ALA B 173 15.59 13.37 5.14
N GLU B 174 16.02 13.91 4.01
CA GLU B 174 15.87 15.32 3.67
C GLU B 174 16.41 15.53 2.26
N SER B 175 16.00 16.64 1.65
CA SER B 175 16.53 17.03 0.34
C SER B 175 16.61 18.56 0.33
N LYS B 176 17.76 19.08 -0.06
CA LYS B 176 18.03 20.50 0.06
C LYS B 176 18.00 21.21 -1.29
N ARG B 177 17.55 22.45 -1.27
CA ARG B 177 17.83 23.37 -2.36
C ARG B 177 19.21 23.99 -2.13
N GLU B 178 19.93 24.24 -3.21
CA GLU B 178 21.31 24.69 -3.09
C GLU B 178 21.37 26.07 -2.44
N GLY B 179 22.30 26.20 -1.49
CA GLY B 179 22.48 27.45 -0.76
C GLY B 179 21.87 27.44 0.63
N MET B 180 22.05 26.33 1.35
CA MET B 180 21.61 26.23 2.74
C MET B 180 22.31 25.05 3.41
N ASP B 181 21.92 24.70 4.64
CA ASP B 181 22.65 23.73 5.44
C ASP B 181 21.79 22.49 5.66
N GLY B 182 22.36 21.32 5.36
CA GLY B 182 21.65 20.08 5.63
C GLY B 182 21.46 19.84 7.11
N PHE B 183 20.45 19.05 7.44
CA PHE B 183 20.07 18.79 8.83
C PHE B 183 19.97 17.30 9.10
N LEU B 184 20.85 16.50 8.51
CA LEU B 184 20.79 15.06 8.70
C LEU B 184 21.44 14.65 10.02
N GLY B 185 20.79 13.69 10.70
CA GLY B 185 21.42 12.90 11.73
C GLY B 185 21.07 13.27 13.16
N MET B 186 20.65 14.50 13.42
CA MET B 186 20.44 14.89 14.81
C MET B 186 19.24 14.16 15.41
N HIS B 187 19.29 13.98 16.74
CA HIS B 187 18.20 13.44 17.53
C HIS B 187 17.50 14.60 18.21
N PHE B 188 16.19 14.71 18.03
CA PHE B 188 15.45 15.80 18.65
C PHE B 188 14.79 15.34 19.94
N PRO B 189 14.96 16.05 21.05
CA PRO B 189 14.28 15.65 22.30
C PRO B 189 12.78 15.87 22.19
N ALA B 190 12.02 14.84 22.55
CA ALA B 190 10.57 14.87 22.44
C ALA B 190 9.94 15.86 23.42
N THR B 191 10.73 16.36 24.36
CA THR B 191 10.24 17.29 25.37
C THR B 191 9.65 18.54 24.74
N ASP B 192 10.34 19.10 23.74
CA ASP B 192 9.84 20.31 23.09
C ASP B 192 8.55 20.06 22.33
N ILE B 193 8.25 18.78 22.06
CA ILE B 193 7.01 18.42 21.38
C ILE B 193 6.01 17.97 22.44
N PRO B 194 5.07 18.83 22.82
CA PRO B 194 4.14 18.49 23.91
C PRO B 194 3.19 17.38 23.52
N VAL B 195 2.73 16.65 24.53
CA VAL B 195 1.82 15.52 24.35
C VAL B 195 0.51 16.00 23.75
N GLN B 196 0.01 17.15 24.21
CA GLN B 196 -1.22 17.70 23.65
C GLN B 196 -1.01 18.09 22.20
N ALA B 197 0.14 18.69 21.89
CA ALA B 197 0.46 19.01 20.51
C ALA B 197 0.55 17.75 19.67
N ARG B 198 1.15 16.70 20.22
CA ARG B 198 1.24 15.44 19.48
C ARG B 198 -0.15 14.92 19.17
N ALA B 199 -1.06 14.98 20.15
CA ALA B 199 -2.43 14.55 19.91
C ALA B 199 -3.11 15.39 18.84
N LEU B 200 -2.86 16.70 18.86
CA LEU B 200 -3.40 17.57 17.82
C LEU B 200 -2.91 17.14 16.43
N TYR B 201 -1.61 16.85 16.32
CA TYR B 201 -1.09 16.34 15.06
C TYR B 201 -1.75 15.02 14.67
N THR B 202 -1.99 14.14 15.64
CA THR B 202 -2.64 12.87 15.35
C THR B 202 -4.03 13.08 14.78
N ARG B 203 -4.82 13.96 15.39
CA ARG B 203 -6.23 14.06 15.02
C ARG B 203 -6.44 14.71 13.66
N ASN B 204 -5.62 15.67 13.29
CA ASN B 204 -5.80 16.42 12.06
C ASN B 204 -4.86 15.94 10.96
N PRO B 205 -5.23 16.14 9.70
CA PRO B 205 -4.34 15.74 8.60
C PRO B 205 -3.33 16.80 8.21
N LEU B 206 -3.65 18.08 8.40
CA LEU B 206 -2.83 19.16 7.86
C LEU B 206 -2.65 20.26 8.89
N ARG B 207 -1.56 21.01 8.70
CA ARG B 207 -1.29 22.25 9.43
C ARG B 207 -0.16 23.00 8.74
N LEU B 208 -0.25 24.32 8.64
CA LEU B 208 0.74 25.10 7.91
C LEU B 208 0.84 26.50 8.49
N ILE B 209 1.98 27.14 8.24
CA ILE B 209 2.21 28.55 8.54
C ILE B 209 2.91 29.17 7.34
N ALA B 210 2.33 30.26 6.83
CA ALA B 210 2.87 30.91 5.64
C ALA B 210 3.87 32.00 5.98
N ASN B 211 3.79 32.57 7.19
CA ASN B 211 4.69 33.64 7.57
C ASN B 211 4.86 33.65 9.07
N ALA B 212 6.11 33.77 9.52
CA ALA B 212 6.39 33.98 10.93
C ALA B 212 6.32 35.46 11.30
N ARG B 213 6.50 36.36 10.33
CA ARG B 213 6.35 37.79 10.56
C ARG B 213 4.90 38.20 10.71
N ALA B 214 3.95 37.29 10.50
CA ALA B 214 2.55 37.59 10.75
C ALA B 214 2.33 37.89 12.23
N ARG B 215 1.16 38.45 12.54
CA ARG B 215 0.91 38.87 13.89
C ARG B 215 -0.25 38.10 14.51
N PRO B 216 -0.24 37.88 15.82
CA PRO B 216 -1.36 37.18 16.47
C PRO B 216 -2.59 38.06 16.59
N VAL B 217 -3.40 38.08 15.54
CA VAL B 217 -4.60 38.92 15.49
C VAL B 217 -5.50 38.57 16.67
N PRO B 218 -5.89 39.54 17.48
CA PRO B 218 -6.70 39.26 18.67
C PRO B 218 -8.13 38.93 18.30
N LEU B 219 -8.88 38.45 19.28
CA LEU B 219 -10.26 38.01 19.09
C LEU B 219 -11.14 38.70 20.12
N VAL B 220 -12.25 39.28 19.66
CA VAL B 220 -13.15 40.01 20.55
C VAL B 220 -14.57 39.50 20.35
N PRO B 221 -15.26 39.19 21.47
CA PRO B 221 -14.75 39.25 22.84
C PRO B 221 -13.78 38.12 23.16
N SER B 222 -12.73 38.42 23.93
CA SER B 222 -11.72 37.43 24.26
C SER B 222 -12.30 36.25 25.02
N VAL B 223 -13.18 36.53 25.98
CA VAL B 223 -13.75 35.51 26.84
C VAL B 223 -15.26 35.46 26.62
N VAL B 224 -15.85 34.29 26.86
CA VAL B 224 -17.29 34.11 26.74
C VAL B 224 -17.81 33.45 28.02
N PRO B 225 -18.96 33.89 28.54
CA PRO B 225 -19.43 33.35 29.83
C PRO B 225 -19.68 31.85 29.82
N GLU B 226 -20.16 31.30 28.71
CA GLU B 226 -20.49 29.88 28.68
C GLU B 226 -19.26 29.00 28.83
N LEU B 227 -18.09 29.51 28.43
CA LEU B 227 -16.84 28.77 28.57
C LEU B 227 -15.87 29.40 29.56
N GLY B 228 -15.93 30.71 29.77
CA GLY B 228 -14.92 31.39 30.55
C GLY B 228 -13.57 31.24 29.89
N ARG B 229 -13.59 31.15 28.56
CA ARG B 229 -12.45 30.72 27.76
C ARG B 229 -12.79 30.88 26.28
N PRO B 230 -11.80 31.10 25.40
CA PRO B 230 -12.10 31.26 23.97
C PRO B 230 -12.62 30.00 23.30
N LEU B 231 -12.79 30.05 21.99
CA LEU B 231 -13.24 28.89 21.22
C LEU B 231 -12.05 28.07 20.75
N ASP B 232 -12.22 26.76 20.75
CA ASP B 232 -11.14 25.87 20.32
C ASP B 232 -10.99 25.94 18.80
N LEU B 233 -9.75 26.10 18.35
CA LEU B 233 -9.44 26.08 16.92
C LEU B 233 -9.04 24.70 16.44
N SER B 234 -9.82 23.67 16.73
CA SER B 234 -9.47 22.32 16.30
C SER B 234 -9.51 22.19 14.79
N GLY B 235 -10.71 22.31 14.21
CA GLY B 235 -10.87 22.10 12.78
C GLY B 235 -10.33 23.21 11.91
N SER B 236 -10.04 24.37 12.50
CA SER B 236 -9.58 25.51 11.73
C SER B 236 -8.23 25.21 11.10
N ALA B 237 -8.09 25.54 9.81
CA ALA B 237 -6.80 25.48 9.14
C ALA B 237 -6.00 26.77 9.30
N LEU B 238 -6.53 27.73 10.06
CA LEU B 238 -5.88 29.02 10.27
C LEU B 238 -5.41 29.23 11.70
N ARG B 239 -5.44 28.20 12.54
CA ARG B 239 -5.07 28.33 13.95
C ARG B 239 -3.65 28.87 14.10
N SER B 240 -3.49 29.83 15.02
CA SER B 240 -2.18 30.42 15.28
C SER B 240 -1.28 29.40 15.98
N VAL B 241 -0.02 29.78 16.16
CA VAL B 241 0.98 28.92 16.77
C VAL B 241 1.61 29.66 17.94
N SER B 242 2.05 28.90 18.94
CA SER B 242 2.58 29.49 20.16
C SER B 242 3.81 30.34 19.87
N PRO B 243 4.03 31.43 20.60
CA PRO B 243 5.17 32.31 20.31
C PRO B 243 6.52 31.63 20.45
N ILE B 244 6.60 30.55 21.22
CA ILE B 244 7.86 29.83 21.41
C ILE B 244 8.26 29.16 20.10
N HIS B 245 7.30 28.49 19.46
CA HIS B 245 7.59 27.85 18.18
C HIS B 245 7.86 28.90 17.11
N LEU B 246 7.17 30.04 17.19
CA LEU B 246 7.48 31.16 16.30
C LEU B 246 8.92 31.63 16.50
N GLU B 247 9.37 31.70 17.75
CA GLU B 247 10.74 32.08 18.03
C GLU B 247 11.72 31.05 17.48
N TYR B 248 11.36 29.77 17.59
CA TYR B 248 12.17 28.71 17.01
C TYR B 248 12.35 28.93 15.51
N LEU B 249 11.25 29.16 14.80
CA LEU B 249 11.32 29.43 13.37
C LEU B 249 12.10 30.70 13.06
N ARG B 250 11.96 31.73 13.90
CA ARG B 250 12.70 32.98 13.69
C ARG B 250 14.20 32.74 13.82
N ASN B 251 14.60 31.92 14.80
CA ASN B 251 15.98 31.51 14.95
C ASN B 251 16.41 30.76 13.69
N MET B 252 15.54 29.89 13.19
CA MET B 252 15.71 29.32 11.86
C MET B 252 15.62 30.35 10.76
N GLY B 253 14.82 31.41 10.96
CA GLY B 253 14.64 32.40 9.92
C GLY B 253 13.71 31.97 8.81
N VAL B 254 12.97 30.89 9.02
CA VAL B 254 12.06 30.37 7.99
C VAL B 254 10.64 30.76 8.42
N GLU B 255 10.03 31.64 7.63
CA GLU B 255 8.68 32.11 7.92
C GLU B 255 7.59 31.19 7.38
N ALA B 256 7.82 30.51 6.26
CA ALA B 256 6.81 29.67 5.64
C ALA B 256 7.11 28.20 5.92
N SER B 257 6.08 27.48 6.40
CA SER B 257 6.25 26.08 6.76
C SER B 257 4.96 25.29 6.63
N PHE B 258 5.07 24.02 6.25
CA PHE B 258 3.93 23.12 6.15
C PHE B 258 4.21 21.88 7.00
N SER B 259 3.19 21.06 7.26
CA SER B 259 3.39 19.89 8.10
C SER B 259 2.51 18.75 7.62
N LEU B 260 2.95 17.52 7.86
CA LEU B 260 2.22 16.32 7.48
C LEU B 260 1.99 15.46 8.71
N SER B 261 0.84 14.79 8.75
CA SER B 261 0.61 13.78 9.77
C SER B 261 0.83 12.38 9.18
N LEU B 262 1.62 11.59 9.90
CA LEU B 262 1.92 10.22 9.48
C LEU B 262 1.48 9.28 10.59
N LEU B 263 0.58 8.36 10.28
CA LEU B 263 -0.11 7.59 11.29
C LEU B 263 0.04 6.10 11.01
N LYS B 264 0.44 5.35 12.05
CA LYS B 264 0.57 3.90 11.96
C LYS B 264 -0.62 3.27 12.66
N ASP B 265 -1.73 3.12 11.93
CA ASP B 265 -2.90 2.35 12.33
C ASP B 265 -3.30 2.61 13.78
N GLY B 266 -3.65 3.88 14.05
CA GLY B 266 -4.05 4.32 15.35
C GLY B 266 -3.02 5.15 16.09
N ALA B 267 -1.75 5.03 15.74
CA ALA B 267 -0.68 5.78 16.37
C ALA B 267 0.05 6.60 15.31
N LEU B 268 0.48 7.80 15.68
CA LEU B 268 1.18 8.67 14.73
C LEU B 268 2.59 8.14 14.50
N TRP B 269 2.91 7.84 13.24
CA TRP B 269 4.21 7.30 12.88
C TRP B 269 5.29 8.38 12.89
N GLY B 270 5.16 9.39 12.03
CA GLY B 270 6.18 10.41 11.92
C GLY B 270 5.70 11.74 11.39
N LEU B 271 6.62 12.58 10.90
CA LEU B 271 6.28 13.93 10.47
C LEU B 271 7.02 14.25 9.17
N ILE B 272 6.34 14.96 8.28
CA ILE B 272 6.92 15.52 7.07
C ILE B 272 6.59 17.01 7.04
N ALA B 273 7.58 17.82 6.71
CA ALA B 273 7.40 19.26 6.80
C ALA B 273 8.08 19.95 5.63
N CYS B 274 7.63 21.17 5.32
CA CYS B 274 8.19 22.03 4.29
C CYS B 274 8.68 23.33 4.91
N HIS B 275 9.60 23.99 4.22
CA HIS B 275 10.16 25.24 4.72
C HIS B 275 10.54 26.13 3.54
N HIS B 276 10.61 27.44 3.80
CA HIS B 276 11.01 28.41 2.79
C HIS B 276 11.41 29.73 3.44
N LEU B 277 12.48 30.36 2.92
CA LEU B 277 12.98 31.58 3.54
C LEU B 277 11.97 32.71 3.42
N ALA B 278 11.37 32.88 2.25
CA ALA B 278 10.43 33.95 2.01
C ALA B 278 9.04 33.56 2.50
N PRO B 279 8.31 34.50 3.09
CA PRO B 279 6.92 34.22 3.47
C PRO B 279 6.04 34.07 2.23
N LEU B 280 5.40 32.92 2.15
CA LEU B 280 4.56 32.61 0.99
C LEU B 280 3.54 31.54 1.34
N HIS B 281 2.30 31.72 0.90
CA HIS B 281 1.24 30.77 1.19
C HIS B 281 1.27 29.61 0.20
N LEU B 282 0.25 28.77 0.25
CA LEU B 282 0.13 27.60 -0.61
C LEU B 282 -1.21 27.66 -1.33
N SER B 283 -1.21 27.14 -2.56
CA SER B 283 -2.46 27.06 -3.32
C SER B 283 -3.42 26.10 -2.63
N TYR B 284 -4.70 26.45 -2.65
CA TYR B 284 -5.70 25.57 -2.05
C TYR B 284 -5.83 24.27 -2.85
N GLU B 285 -5.45 24.28 -4.12
CA GLU B 285 -5.42 23.06 -4.92
C GLU B 285 -4.43 22.06 -4.33
N ARG B 286 -3.22 22.55 -4.02
CA ARG B 286 -2.17 21.66 -3.53
C ARG B 286 -2.50 21.08 -2.17
N ARG B 287 -3.06 21.89 -1.27
CA ARG B 287 -3.21 21.46 0.13
C ARG B 287 -4.22 20.33 0.26
N ARG B 288 -5.29 20.34 -0.55
CA ARG B 288 -6.26 19.25 -0.47
C ARG B 288 -5.64 17.93 -0.88
N ALA B 289 -4.79 17.94 -1.91
CA ALA B 289 -4.14 16.72 -2.36
C ALA B 289 -3.21 16.16 -1.29
N CYS B 290 -2.72 17.00 -0.38
CA CYS B 290 -1.80 16.55 0.66
C CYS B 290 -2.49 15.52 1.57
N GLU B 291 -3.74 15.76 1.91
CA GLU B 291 -4.49 14.84 2.77
C GLU B 291 -4.56 13.45 2.15
N VAL B 292 -4.69 13.39 0.82
CA VAL B 292 -4.79 12.10 0.14
C VAL B 292 -3.56 11.26 0.39
N LEU B 293 -2.37 11.88 0.32
CA LEU B 293 -1.11 11.17 0.49
C LEU B 293 -1.02 10.51 1.86
N THR B 294 -1.64 11.11 2.88
CA THR B 294 -1.49 10.63 4.25
C THR B 294 -1.97 9.19 4.42
N GLN B 295 -3.21 8.90 4.04
CA GLN B 295 -3.78 7.57 4.24
C GLN B 295 -3.07 6.54 3.37
N LEU B 296 -2.79 6.91 2.12
CA LEU B 296 -2.11 6.03 1.18
C LEU B 296 -0.75 5.62 1.72
N LEU B 297 0.04 6.61 2.14
CA LEU B 297 1.36 6.33 2.69
C LEU B 297 1.27 5.55 3.99
N ALA B 298 0.24 5.83 4.80
CA ALA B 298 0.08 5.11 6.06
C ALA B 298 -0.15 3.62 5.82
N LEU B 299 -1.10 3.29 4.95
CA LEU B 299 -1.37 1.89 4.66
C LEU B 299 -0.18 1.23 3.96
N GLN B 300 0.48 1.97 3.07
CA GLN B 300 1.65 1.44 2.36
C GLN B 300 2.78 1.12 3.33
N LEU B 301 3.04 2.02 4.28
CA LEU B 301 4.11 1.79 5.24
C LEU B 301 3.75 0.67 6.20
N SER B 302 2.46 0.54 6.54
CA SER B 302 2.03 -0.58 7.37
C SER B 302 2.33 -1.90 6.67
N SER B 303 1.95 -2.00 5.39
CA SER B 303 2.20 -3.22 4.63
C SER B 303 3.70 -3.49 4.49
N GLU B 304 4.47 -2.45 4.18
CA GLU B 304 5.91 -2.59 4.02
C GLU B 304 6.57 -3.02 5.32
N GLU B 305 6.12 -2.46 6.44
CA GLU B 305 6.65 -2.84 7.75
C GLU B 305 6.34 -4.31 8.06
N ARG B 306 5.11 -4.74 7.76
CA ARG B 306 4.79 -6.15 8.00
C ARG B 306 5.65 -7.07 7.15
N ALA B 307 5.83 -6.71 5.87
CA ALA B 307 6.67 -7.49 4.97
C ALA B 307 8.11 -7.54 5.45
N ALA B 308 8.63 -6.39 5.88
CA ALA B 308 10.01 -6.33 6.36
C ALA B 308 10.19 -7.15 7.64
N GLU B 309 9.20 -7.10 8.53
CA GLU B 309 9.26 -7.89 9.76
C GLU B 309 9.27 -9.38 9.45
N ALA B 310 8.41 -9.80 8.52
CA ALA B 310 8.39 -11.20 8.12
C ALA B 310 9.73 -11.61 7.48
N ALA B 311 10.28 -10.73 6.64
CA ALA B 311 11.57 -11.01 6.01
C ALA B 311 12.67 -11.13 7.06
N GLU B 312 12.63 -10.27 8.08
CA GLU B 312 13.60 -10.34 9.17
C GLU B 312 13.47 -11.65 9.94
N ASP B 313 12.21 -12.08 10.17
CA ASP B 313 11.98 -13.37 10.83
C ASP B 313 12.58 -14.50 10.02
N SER B 314 12.35 -14.49 8.71
CA SER B 314 12.93 -15.52 7.84
C SER B 314 14.45 -15.47 7.89
N HIS B 315 15.03 -14.27 7.87
CA HIS B 315 16.47 -14.08 7.90
C HIS B 315 17.09 -14.63 9.18
N ARG B 316 16.54 -14.26 10.34
CA ARG B 316 17.06 -14.78 11.60
C ARG B 316 16.83 -16.28 11.69
N ALA B 317 15.77 -16.78 11.04
CA ALA B 317 15.62 -18.22 10.87
C ALA B 317 16.63 -18.75 9.87
N ALA B 318 16.96 -17.94 8.85
CA ALA B 318 17.94 -18.36 7.85
C ALA B 318 19.35 -18.34 8.41
N LEU B 319 19.56 -17.67 9.55
CA LEU B 319 20.88 -17.65 10.17
C LEU B 319 21.27 -19.03 10.71
N LEU B 320 20.31 -19.96 10.77
CA LEU B 320 20.64 -21.33 11.16
C LEU B 320 21.64 -21.95 10.19
N GLY B 321 21.63 -21.49 8.93
CA GLY B 321 22.55 -21.99 7.93
C GLY B 321 24.00 -21.62 8.19
N PRO B 322 24.29 -20.32 8.28
CA PRO B 322 25.64 -19.90 8.67
C PRO B 322 26.04 -20.47 10.02
N LEU B 323 25.08 -20.62 10.92
CA LEU B 323 25.31 -21.31 12.17
C LEU B 323 25.63 -22.78 11.93
N ALA B 324 24.89 -23.41 11.01
CA ALA B 324 25.13 -24.83 10.71
C ALA B 324 26.45 -25.05 9.98
N THR B 325 27.07 -23.99 9.47
CA THR B 325 28.40 -24.12 8.87
C THR B 325 29.39 -24.54 9.95
N SER B 326 29.26 -23.96 11.14
CA SER B 326 30.12 -24.34 12.26
C SER B 326 29.78 -25.74 12.77
N LEU B 327 28.50 -26.06 12.93
CA LEU B 327 28.09 -27.35 13.48
C LEU B 327 28.22 -28.45 12.44
N GLY B 328 28.68 -29.62 12.87
CA GLY B 328 28.85 -30.76 11.98
C GLY B 328 30.30 -30.99 11.63
N ALA B 329 31.04 -29.91 11.39
CA ALA B 329 32.47 -30.02 11.17
C ALA B 329 33.17 -30.40 12.46
N GLY B 330 34.30 -31.09 12.36
CA GLY B 330 35.05 -31.49 13.53
C GLY B 330 35.64 -30.32 14.28
N GLY B 331 36.10 -30.57 15.49
CA GLY B 331 36.68 -29.49 16.28
C GLY B 331 35.82 -29.10 17.46
N THR B 332 36.44 -28.36 18.39
CA THR B 332 35.74 -27.92 19.59
C THR B 332 34.65 -26.92 19.24
N LEU B 333 33.59 -26.89 20.03
CA LEU B 333 32.51 -25.93 19.83
C LEU B 333 33.03 -24.51 19.92
N GLU B 334 33.92 -24.25 20.89
CA GLU B 334 34.39 -22.90 21.14
C GLU B 334 35.11 -22.31 19.93
N GLU B 335 36.09 -23.02 19.38
CA GLU B 335 36.84 -22.51 18.24
C GLU B 335 35.96 -22.43 16.99
N ALA B 336 35.07 -23.40 16.81
CA ALA B 336 34.19 -23.39 15.65
C ALA B 336 33.26 -22.20 15.68
N LEU B 337 32.76 -21.83 16.86
CA LEU B 337 31.93 -20.64 16.98
C LEU B 337 32.76 -19.36 16.90
N ALA B 338 34.01 -19.41 17.39
CA ALA B 338 34.84 -18.21 17.37
C ALA B 338 35.26 -17.85 15.95
N LYS B 339 35.52 -18.84 15.10
CA LYS B 339 35.95 -18.54 13.74
C LYS B 339 34.90 -17.75 12.98
N ASP B 340 33.63 -18.14 13.11
CA ASP B 340 32.53 -17.40 12.50
C ASP B 340 31.80 -16.53 13.52
N GLY B 341 32.49 -16.12 14.59
CA GLY B 341 31.84 -15.29 15.60
C GLY B 341 31.39 -13.94 15.07
N ALA B 342 31.95 -13.52 13.95
CA ALA B 342 31.60 -12.22 13.37
C ALA B 342 30.11 -12.15 13.02
N ARG B 343 29.59 -13.20 12.38
CA ARG B 343 28.20 -13.23 11.99
C ARG B 343 27.28 -13.49 13.18
N VAL B 344 27.81 -14.09 14.23
CA VAL B 344 27.03 -14.37 15.44
C VAL B 344 26.63 -13.07 16.14
N LEU B 345 27.49 -12.06 16.10
CA LEU B 345 27.26 -10.84 16.87
C LEU B 345 26.00 -10.13 16.42
N GLU B 346 25.80 -10.00 15.10
CA GLU B 346 24.64 -9.26 14.60
C GLU B 346 23.37 -10.08 14.68
N LEU B 347 23.49 -11.36 15.06
CA LEU B 347 22.30 -12.19 15.23
C LEU B 347 21.39 -11.61 16.30
N THR B 348 21.94 -11.14 17.41
CA THR B 348 21.16 -10.51 18.45
C THR B 348 21.22 -8.99 18.39
N GLY B 349 22.28 -8.43 17.82
CA GLY B 349 22.45 -7.00 17.75
C GLY B 349 23.49 -6.48 18.72
N ALA B 350 23.89 -7.33 19.66
CA ALA B 350 24.95 -6.96 20.59
C ALA B 350 26.31 -7.02 19.90
N THR B 351 27.22 -6.17 20.37
CA THR B 351 28.56 -6.12 19.79
C THR B 351 29.37 -7.36 20.15
N GLY B 352 28.93 -8.10 21.17
CA GLY B 352 29.66 -9.27 21.61
C GLY B 352 28.76 -10.22 22.37
N ALA B 353 29.25 -11.46 22.52
CA ALA B 353 28.55 -12.49 23.24
C ALA B 353 29.56 -13.53 23.71
N ALA B 354 29.27 -14.15 24.84
CA ALA B 354 30.08 -15.23 25.36
C ALA B 354 29.15 -16.31 25.89
N LEU B 355 29.72 -17.37 26.47
CA LEU B 355 28.93 -18.45 27.04
C LEU B 355 29.77 -19.23 28.05
N LEU B 356 29.29 -19.32 29.28
CA LEU B 356 30.09 -19.84 30.39
C LEU B 356 30.19 -21.36 30.29
N LEU B 357 31.43 -21.85 30.19
CA LEU B 357 31.68 -23.28 30.19
C LEU B 357 31.98 -23.82 31.59
N GLY B 358 31.93 -22.98 32.60
CA GLY B 358 32.52 -23.32 33.89
C GLY B 358 33.92 -22.75 33.96
N GLY B 359 34.63 -22.84 32.84
CA GLY B 359 35.90 -22.17 32.67
C GLY B 359 35.71 -20.79 32.08
N GLU B 360 36.70 -20.36 31.31
CA GLU B 360 36.64 -19.04 30.70
C GLU B 360 35.71 -19.08 29.47
N PRO B 361 34.75 -18.16 29.39
CA PRO B 361 33.97 -18.01 28.16
C PRO B 361 34.63 -17.07 27.15
N LEU B 362 34.34 -17.33 25.88
CA LEU B 362 34.95 -16.60 24.78
C LEU B 362 33.98 -15.56 24.23
N LEU B 363 34.45 -14.33 24.11
CA LEU B 363 33.68 -13.22 23.57
C LEU B 363 34.52 -12.47 22.54
N VAL B 364 33.83 -11.87 21.58
CA VAL B 364 34.50 -11.17 20.48
C VAL B 364 33.86 -9.80 20.27
N GLY B 365 34.32 -9.08 19.25
CA GLY B 365 33.87 -7.71 19.05
C GLY B 365 34.48 -6.80 20.10
N ARG B 366 33.63 -5.98 20.72
CA ARG B 366 34.08 -5.21 21.88
C ARG B 366 34.25 -6.16 23.06
N THR B 367 35.11 -5.76 23.99
CA THR B 367 35.50 -6.70 25.05
C THR B 367 35.41 -6.09 26.44
N PRO B 368 34.56 -6.61 27.31
CA PRO B 368 34.70 -6.34 28.74
C PRO B 368 35.86 -7.13 29.33
N SER B 369 36.50 -6.53 30.33
CA SER B 369 37.70 -7.15 30.89
C SER B 369 37.36 -8.49 31.54
N MET B 370 38.23 -9.48 31.31
CA MET B 370 37.88 -10.88 31.48
C MET B 370 37.53 -11.20 32.93
N ASP B 371 38.35 -10.70 33.87
CA ASP B 371 38.15 -11.00 35.27
C ASP B 371 36.78 -10.54 35.74
N GLU B 372 36.43 -9.28 35.46
CA GLU B 372 35.10 -8.82 35.85
C GLU B 372 34.04 -9.41 34.93
N VAL B 373 34.44 -10.06 33.83
CA VAL B 373 33.48 -10.85 33.06
C VAL B 373 33.03 -12.03 33.91
N GLU B 374 33.98 -12.76 34.51
CA GLU B 374 33.58 -13.81 35.44
C GLU B 374 32.83 -13.22 36.63
N ALA B 375 33.24 -12.03 37.07
CA ALA B 375 32.59 -11.40 38.21
C ALA B 375 31.12 -11.12 37.93
N LEU B 376 30.82 -10.57 36.75
CA LEU B 376 29.44 -10.29 36.39
C LEU B 376 28.66 -11.57 36.14
N ALA B 377 29.33 -12.58 35.59
CA ALA B 377 28.69 -13.89 35.44
C ALA B 377 28.25 -14.42 36.80
N ALA B 378 29.12 -14.31 37.80
CA ALA B 378 28.76 -14.71 39.16
C ALA B 378 27.64 -13.83 39.72
N TRP B 379 27.71 -12.52 39.46
CA TRP B 379 26.70 -11.61 39.98
C TRP B 379 25.33 -11.88 39.39
N LEU B 380 25.27 -12.49 38.20
CA LEU B 380 23.98 -12.81 37.61
C LEU B 380 23.28 -13.92 38.40
N ALA B 381 24.05 -14.72 39.15
CA ALA B 381 23.46 -15.83 39.90
C ALA B 381 22.48 -15.37 40.98
N PRO B 382 22.79 -14.40 41.85
CA PRO B 382 21.78 -13.99 42.84
C PRO B 382 20.50 -13.47 42.21
N GLN B 383 20.60 -12.82 41.05
CA GLN B 383 19.40 -12.41 40.35
C GLN B 383 18.69 -13.64 39.80
N PRO B 384 17.44 -13.90 40.17
CA PRO B 384 16.78 -15.14 39.75
C PRO B 384 16.11 -15.05 38.40
N PHE B 385 16.89 -14.91 37.34
CA PHE B 385 16.31 -14.88 35.99
C PHE B 385 15.79 -16.25 35.60
N GLN B 386 14.50 -16.30 35.21
CA GLN B 386 13.93 -17.56 34.79
C GLN B 386 14.59 -18.09 33.53
N THR B 387 14.66 -17.27 32.48
CA THR B 387 15.38 -17.64 31.28
C THR B 387 16.32 -16.52 30.85
N SER B 388 15.97 -15.27 31.11
CA SER B 388 16.70 -14.15 30.55
C SER B 388 16.36 -12.85 31.28
N PHE B 389 17.33 -11.94 31.29
CA PHE B 389 17.11 -10.51 31.48
C PHE B 389 17.43 -9.76 30.19
N HIS B 390 16.68 -8.68 29.98
CA HIS B 390 16.91 -7.76 28.88
C HIS B 390 16.82 -6.35 29.43
N THR B 391 17.84 -5.56 29.16
CA THR B 391 17.96 -4.25 29.78
C THR B 391 18.69 -3.30 28.84
N GLU B 392 18.44 -2.01 29.05
CA GLU B 392 19.13 -0.93 28.37
C GLU B 392 19.87 -0.01 29.33
N ARG B 393 19.73 -0.23 30.63
CA ARG B 393 20.33 0.63 31.65
C ARG B 393 20.99 -0.24 32.71
N LEU B 394 21.86 -1.16 32.29
CA LEU B 394 22.54 -2.06 33.22
C LEU B 394 23.27 -1.27 34.31
N GLY B 395 23.72 -0.07 33.99
CA GLY B 395 24.37 0.75 35.00
C GLY B 395 23.48 1.05 36.19
N SER B 396 22.22 1.38 35.92
CA SER B 396 21.24 1.48 37.00
C SER B 396 21.03 0.14 37.68
N LEU B 397 20.94 -0.93 36.89
CA LEU B 397 20.78 -2.26 37.46
C LEU B 397 22.04 -2.68 38.22
N TYR B 398 23.20 -2.56 37.59
CA TYR B 398 24.47 -2.93 38.21
C TYR B 398 25.39 -1.72 38.23
N PRO B 399 25.56 -1.07 39.38
CA PRO B 399 26.33 0.19 39.43
C PRO B 399 27.76 0.05 38.94
N PRO B 400 28.53 -0.97 39.36
CA PRO B 400 29.96 -0.99 38.99
C PRO B 400 30.23 -1.04 37.49
N LEU B 401 29.38 -1.68 36.69
CA LEU B 401 29.66 -1.77 35.27
C LEU B 401 29.26 -0.50 34.54
N ALA B 402 28.54 0.41 35.22
CA ALA B 402 28.25 1.71 34.64
C ALA B 402 29.51 2.48 34.31
N ALA B 403 30.62 2.15 34.98
CA ALA B 403 31.90 2.77 34.64
C ALA B 403 32.27 2.48 33.20
N ARG B 404 32.11 1.24 32.75
CA ARG B 404 32.29 0.89 31.35
C ARG B 404 30.93 0.95 30.65
N ALA B 405 30.31 2.12 30.72
CA ALA B 405 29.09 2.35 29.96
C ALA B 405 29.39 2.34 28.46
N ASP B 406 30.51 2.94 28.06
CA ASP B 406 30.96 2.90 26.67
C ASP B 406 31.33 1.49 26.21
N VAL B 407 31.50 0.56 27.14
CA VAL B 407 31.68 -0.85 26.79
C VAL B 407 30.41 -1.67 26.99
N ALA B 408 29.59 -1.35 27.99
CA ALA B 408 28.33 -2.04 28.21
C ALA B 408 27.36 -1.11 28.91
N ALA B 409 26.23 -0.81 28.26
CA ALA B 409 25.22 0.05 28.84
C ALA B 409 23.87 -0.67 28.89
N GLY B 410 23.68 -1.65 28.01
CA GLY B 410 22.50 -2.50 28.05
C GLY B 410 22.74 -3.82 27.35
N LEU B 411 22.41 -4.94 28.01
CA LEU B 411 22.78 -6.25 27.49
C LEU B 411 21.56 -7.17 27.48
N LEU B 412 21.73 -8.30 26.80
CA LEU B 412 20.79 -9.41 26.83
C LEU B 412 21.50 -10.66 27.32
N ALA B 413 20.87 -11.39 28.23
CA ALA B 413 21.49 -12.57 28.82
C ALA B 413 20.54 -13.74 28.68
N VAL B 414 21.09 -14.96 28.84
CA VAL B 414 20.31 -16.18 28.76
C VAL B 414 21.10 -17.32 29.39
N ARG B 415 20.40 -18.25 30.05
CA ARG B 415 21.04 -19.41 30.65
C ARG B 415 21.36 -20.46 29.60
N LEU B 416 22.63 -20.87 29.51
CA LEU B 416 22.96 -22.04 28.71
C LEU B 416 22.27 -23.28 29.27
N ALA B 417 22.37 -23.47 30.59
CA ALA B 417 21.72 -24.54 31.31
C ALA B 417 21.02 -23.98 32.54
N PRO B 418 19.77 -24.39 32.81
CA PRO B 418 19.05 -23.85 33.97
C PRO B 418 19.70 -24.21 35.30
N ALA B 419 19.92 -25.50 35.53
CA ALA B 419 20.47 -25.98 36.79
C ALA B 419 21.87 -25.44 37.05
N SER B 420 22.81 -25.76 36.16
CA SER B 420 24.19 -25.32 36.35
C SER B 420 24.33 -23.84 36.00
N SER B 421 25.44 -23.26 36.45
CA SER B 421 25.73 -21.85 36.25
C SER B 421 26.09 -21.51 34.80
N ARG B 422 26.04 -22.43 33.84
CA ARG B 422 26.36 -22.11 32.46
C ARG B 422 25.34 -21.12 31.89
N LEU B 423 25.78 -19.90 31.59
CA LEU B 423 24.93 -18.85 31.07
C LEU B 423 25.57 -18.22 29.83
N ALA B 424 24.77 -17.46 29.07
CA ALA B 424 25.27 -16.75 27.92
C ALA B 424 24.71 -15.33 27.94
N LEU B 425 25.50 -14.38 27.47
CA LEU B 425 25.12 -12.98 27.50
C LEU B 425 25.27 -12.38 26.11
N TRP B 426 24.80 -11.14 25.96
CA TRP B 426 24.92 -10.38 24.72
C TRP B 426 25.05 -8.91 25.13
N PHE B 427 26.29 -8.47 25.28
CA PHE B 427 26.55 -7.13 25.82
C PHE B 427 26.60 -6.09 24.71
N ARG B 428 25.98 -4.94 24.98
CA ARG B 428 25.88 -3.86 24.01
C ARG B 428 26.06 -2.51 24.71
N PRO B 429 27.06 -1.73 24.32
CA PRO B 429 27.31 -0.45 24.99
C PRO B 429 26.36 0.65 24.56
N GLU B 430 26.59 1.86 25.07
CA GLU B 430 25.79 3.02 24.70
C GLU B 430 26.02 3.36 23.23
N ALA B 431 24.96 3.73 22.53
CA ALA B 431 25.04 4.04 21.11
C ALA B 431 25.70 5.40 20.89
N VAL B 432 27.02 5.43 20.90
CA VAL B 432 27.76 6.68 20.68
C VAL B 432 28.64 6.56 19.44
N ARG B 433 29.38 5.45 19.33
CA ARG B 433 30.20 5.24 18.13
C ARG B 433 29.34 4.83 16.95
N THR B 434 28.17 4.24 17.22
CA THR B 434 27.25 3.81 16.17
C THR B 434 26.75 5.00 15.37
N ILE B 435 26.37 6.06 16.08
CA ILE B 435 25.85 7.25 15.40
C ILE B 435 26.97 8.27 15.23
N SER B 436 27.08 8.82 14.02
CA SER B 436 28.11 9.80 13.73
C SER B 436 27.83 11.11 14.45
N TRP B 437 28.73 12.07 14.25
CA TRP B 437 28.58 13.39 14.85
C TRP B 437 27.57 14.25 14.10
N ALA B 438 26.73 13.65 13.26
CA ALA B 438 25.73 14.40 12.50
C ALA B 438 24.63 14.94 13.41
N GLY B 439 24.79 14.77 14.72
CA GLY B 439 23.87 15.35 15.68
C GLY B 439 24.18 16.80 15.94
N ASN B 440 25.20 17.33 15.28
CA ASN B 440 25.61 18.72 15.42
C ASN B 440 25.68 19.32 14.03
N PRO B 441 24.91 20.39 13.77
CA PRO B 441 24.88 20.98 12.43
C PRO B 441 25.99 21.99 12.20
N ARG B 442 26.83 22.20 13.24
CA ARG B 442 27.99 23.09 13.22
C ARG B 442 27.64 24.48 12.70
N LYS B 443 28.67 25.25 12.29
CA LYS B 443 28.53 26.67 11.95
C LYS B 443 27.86 27.41 13.11
N PRO B 444 28.55 27.61 14.24
CA PRO B 444 27.91 28.22 15.41
C PRO B 444 27.34 29.61 15.12
N ALA B 445 26.18 29.90 15.70
CA ALA B 445 25.50 31.17 15.44
C ALA B 445 26.33 32.33 15.98
N GLU B 446 26.70 33.25 15.07
CA GLU B 446 27.45 34.42 15.49
C GLU B 446 26.69 35.29 16.49
N PRO B 447 25.41 35.62 16.29
CA PRO B 447 24.65 36.28 17.36
C PRO B 447 24.43 35.30 18.51
N GLU B 448 24.85 35.69 19.71
CA GLU B 448 24.83 34.80 20.87
C GLU B 448 23.41 34.30 21.14
N PRO B 449 23.13 33.01 20.93
CA PRO B 449 21.79 32.49 21.18
C PRO B 449 21.65 31.87 22.56
N GLY B 450 20.43 31.87 23.10
CA GLY B 450 20.16 31.08 24.29
C GLY B 450 20.33 29.59 24.08
N HIS B 451 20.07 29.12 22.85
CA HIS B 451 20.37 27.77 22.33
C HIS B 451 19.55 26.71 23.05
N ALA B 452 18.80 27.09 24.07
CA ALA B 452 17.77 26.20 24.61
C ALA B 452 16.52 26.25 23.75
N ARG B 453 16.29 27.36 23.06
CA ARG B 453 15.17 27.53 22.14
C ARG B 453 15.60 27.39 20.69
N LEU B 454 16.81 26.91 20.43
CA LEU B 454 17.35 26.79 19.07
C LEU B 454 17.76 25.35 18.84
N HIS B 455 17.27 24.77 17.74
CA HIS B 455 17.72 23.44 17.36
C HIS B 455 19.21 23.36 17.02
N PRO B 456 19.83 24.31 16.31
CA PRO B 456 21.24 24.13 15.94
C PRO B 456 22.14 24.14 17.16
N ARG B 457 23.04 23.15 17.23
CA ARG B 457 24.05 23.06 18.28
C ARG B 457 23.43 22.94 19.67
N GLY B 458 22.71 23.98 20.10
CA GLY B 458 22.16 24.03 21.44
C GLY B 458 21.22 22.90 21.78
N SER B 459 20.38 22.51 20.83
CA SER B 459 19.49 21.37 21.04
C SER B 459 20.25 20.08 20.73
N PHE B 460 19.61 18.95 21.04
CA PHE B 460 20.18 17.60 20.95
C PHE B 460 21.20 17.41 22.06
N GLN B 461 21.51 18.49 22.78
CA GLN B 461 22.30 18.39 24.01
C GLN B 461 21.45 17.82 25.12
N ALA B 462 20.17 18.22 25.17
CA ALA B 462 19.24 17.64 26.13
C ALA B 462 19.02 16.16 25.82
N TRP B 463 18.94 15.81 24.53
CA TRP B 463 18.74 14.42 24.15
C TRP B 463 19.89 13.54 24.60
N GLU B 464 21.13 13.99 24.36
CA GLU B 464 22.28 13.22 24.81
C GLU B 464 22.41 13.26 26.33
N GLU B 465 21.93 14.33 26.96
CA GLU B 465 21.85 14.37 28.41
C GLU B 465 20.95 13.26 28.93
N THR B 466 19.81 13.05 28.31
CA THR B 466 18.87 12.02 28.71
C THR B 466 19.42 10.62 28.41
N VAL B 467 19.91 10.41 27.19
CA VAL B 467 20.20 9.05 26.74
C VAL B 467 21.55 8.57 27.25
N ARG B 468 22.26 9.38 28.02
CA ARG B 468 23.58 8.97 28.52
C ARG B 468 23.48 7.72 29.36
N GLU B 469 24.49 6.86 29.23
CA GLU B 469 24.56 5.58 29.96
C GLU B 469 23.32 4.73 29.70
N THR B 470 23.00 4.57 28.42
CA THR B 470 21.81 3.83 28.03
C THR B 470 21.96 3.31 26.61
N SER B 471 21.86 1.99 26.46
CA SER B 471 21.88 1.31 25.17
C SER B 471 20.52 1.33 24.52
N PRO B 472 20.45 1.14 23.21
CA PRO B 472 19.14 0.97 22.55
C PRO B 472 18.45 -0.29 23.05
N ALA B 473 17.13 -0.28 22.92
CA ALA B 473 16.33 -1.38 23.43
C ALA B 473 16.48 -2.62 22.54
N TRP B 474 16.07 -3.77 23.09
CA TRP B 474 16.13 -5.04 22.39
C TRP B 474 14.83 -5.25 21.62
N LYS B 475 14.81 -6.29 20.79
CA LYS B 475 13.63 -6.64 19.99
C LYS B 475 13.32 -8.11 20.15
N ARG B 476 12.05 -8.46 19.97
CA ARG B 476 11.51 -9.72 20.49
C ARG B 476 11.94 -10.93 19.68
N ALA B 477 12.23 -10.72 18.38
CA ALA B 477 12.51 -11.86 17.50
C ALA B 477 13.77 -12.61 17.93
N ASP B 478 14.82 -11.88 18.31
CA ASP B 478 16.03 -12.52 18.80
C ASP B 478 15.77 -13.24 20.12
N LEU B 479 14.91 -12.66 20.95
CA LEU B 479 14.54 -13.31 22.21
C LEU B 479 13.84 -14.64 21.92
N ALA B 480 13.08 -14.70 20.83
CA ALA B 480 12.51 -15.97 20.40
C ALA B 480 13.60 -16.96 20.02
N ALA B 481 14.65 -16.46 19.36
CA ALA B 481 15.73 -17.33 18.89
C ALA B 481 16.61 -17.80 20.04
N ALA B 482 16.38 -17.31 21.26
CA ALA B 482 17.21 -17.68 22.40
C ALA B 482 17.19 -19.19 22.63
N GLU B 483 16.06 -19.83 22.33
CA GLU B 483 15.98 -21.28 22.46
C GLU B 483 16.81 -21.98 21.39
N GLY B 484 17.17 -21.26 20.33
CA GLY B 484 18.00 -21.86 19.29
C GLY B 484 19.37 -22.25 19.80
N PHE B 485 20.03 -21.34 20.52
CA PHE B 485 21.33 -21.65 21.11
C PHE B 485 21.18 -22.58 22.31
N ARG B 486 19.98 -22.62 22.88
CA ARG B 486 19.71 -23.41 24.08
C ARG B 486 19.90 -24.90 23.84
N SER B 487 19.43 -25.41 22.72
CA SER B 487 19.47 -26.84 22.44
C SER B 487 20.75 -27.29 21.75
N ALA B 488 21.83 -26.51 21.78
CA ALA B 488 23.07 -26.89 21.11
C ALA B 488 23.71 -28.11 21.77
N LEU B 489 23.86 -28.07 23.10
CA LEU B 489 24.47 -29.17 23.83
C LEU B 489 23.46 -29.83 24.77
#